data_5WH5
#
_entry.id   5WH5
#
_cell.length_a   59.467
_cell.length_b   79.883
_cell.length_c   163.444
_cell.angle_alpha   90.000
_cell.angle_beta   90.000
_cell.angle_gamma   90.000
#
_symmetry.space_group_name_H-M   'P 21 21 21'
#
loop_
_entity.id
_entity.type
_entity.pdbx_description
1 polymer "cAMP-specific 3',5'-cyclic phosphodiesterase 4D"
2 non-polymer 1-[4-(difluoromethoxy)-3-{[(3R)-oxolan-3-yl]oxy}phenyl]-3-methylbutan-1-one
3 non-polymer 'ZINC ION'
4 non-polymer 'MAGNESIUM ION'
5 water water
#
_entity_poly.entity_id   1
_entity_poly.type   'polypeptide(L)'
_entity_poly.pdbx_seq_one_letter_code
;TEQEDVLAKELEDVNKWGLHVFRIAELSGNRPLTVIMHTIFQERDLLKTFKIPVDTLITYLMTLEDHYHADVAYHNNIHA
ADVVQSTHVLLSTPALEAVFTDLEILAAIFASAIHDVDHPGVSNQFLINTNSELALMYNDSSVLENHHLAVGFKLLQEEN
CDIFQNLTKKQRQSLRKMVIDIVLATDMSKHMNLLADLKTMVETKKVTSSGVLLLDNYSDRIQVLQNMVHCADLSNPTKP
LQLYRQWTDRIMEEFFRQGDRERERGMEISPMCDKHNASVEKSQVGFIDYIVHPLWETWADLVHPDAQDILDTLEDNREW
YQSTIPQ
;
_entity_poly.pdbx_strand_id   A,B
#
loop_
_chem_comp.id
_chem_comp.type
_chem_comp.name
_chem_comp.formula
MG non-polymer 'MAGNESIUM ION' 'Mg 2'
R91 non-polymer 1-[4-(difluoromethoxy)-3-{[(3R)-oxolan-3-yl]oxy}phenyl]-3-methylbutan-1-one 'C16 H20 F2 O4'
ZN non-polymer 'ZINC ION' 'Zn 2'
#
# COMPACT_ATOMS: atom_id res chain seq x y z
N THR A 1 19.12 33.11 -28.00
CA THR A 1 19.85 33.54 -26.78
C THR A 1 19.11 34.64 -26.00
N GLU A 2 18.27 35.42 -26.67
CA GLU A 2 17.47 36.44 -26.00
C GLU A 2 16.45 35.80 -25.06
N GLN A 3 15.69 34.84 -25.57
CA GLN A 3 14.75 34.07 -24.75
C GLN A 3 15.50 33.30 -23.66
N GLU A 4 16.69 32.82 -24.01
CA GLU A 4 17.58 32.11 -23.08
C GLU A 4 18.07 33.01 -21.94
N ASP A 5 18.39 34.26 -22.26
CA ASP A 5 18.82 35.23 -21.24
C ASP A 5 17.66 35.63 -20.33
N VAL A 6 16.47 35.78 -20.89
CA VAL A 6 15.28 36.12 -20.13
C VAL A 6 14.92 34.97 -19.17
N LEU A 7 15.05 33.74 -19.66
CA LEU A 7 14.85 32.55 -18.82
C LEU A 7 15.87 32.52 -17.68
N ALA A 8 17.13 32.75 -18.01
CA ALA A 8 18.19 32.79 -17.00
C ALA A 8 17.89 33.84 -15.93
N LYS A 9 17.43 35.01 -16.36
CA LYS A 9 17.02 36.07 -15.44
C LYS A 9 15.92 35.59 -14.48
N GLU A 10 14.86 35.00 -15.03
CA GLU A 10 13.74 34.52 -14.22
C GLU A 10 14.19 33.46 -13.22
N LEU A 11 15.07 32.56 -13.65
CA LEU A 11 15.59 31.50 -12.78
C LEU A 11 16.46 32.00 -11.61
N GLU A 12 16.92 33.26 -11.68
CA GLU A 12 17.58 33.89 -10.52
C GLU A 12 16.66 34.03 -9.30
N ASP A 13 15.34 33.94 -9.51
CA ASP A 13 14.36 33.99 -8.42
C ASP A 13 14.04 32.63 -7.79
N VAL A 14 14.86 31.61 -8.09
CA VAL A 14 14.55 30.24 -7.65
C VAL A 14 14.50 30.06 -6.13
N ASN A 15 15.17 30.94 -5.38
CA ASN A 15 15.12 30.85 -3.91
C ASN A 15 13.97 31.65 -3.29
N LYS A 16 13.06 32.17 -4.12
CA LYS A 16 12.00 33.05 -3.66
C LYS A 16 10.60 32.45 -3.79
N TRP A 17 9.80 32.68 -2.75
CA TRP A 17 8.38 32.32 -2.77
C TRP A 17 7.71 33.23 -3.79
N GLY A 18 6.95 32.66 -4.72
CA GLY A 18 6.30 33.47 -5.75
C GLY A 18 7.08 33.63 -7.04
N LEU A 19 8.01 32.71 -7.28
CA LEU A 19 8.66 32.54 -8.58
C LEU A 19 7.63 32.56 -9.70
N HIS A 20 7.95 33.21 -10.81
CA HIS A 20 7.06 33.24 -11.99
C HIS A 20 7.11 31.90 -12.74
N VAL A 21 6.52 30.87 -12.15
CA VAL A 21 6.66 29.52 -12.67
C VAL A 21 5.98 29.35 -14.05
N PHE A 22 4.89 30.05 -14.28
CA PHE A 22 4.18 29.96 -15.57
C PHE A 22 4.97 30.61 -16.68
N ARG A 23 5.63 31.72 -16.34
CA ARG A 23 6.54 32.41 -17.25
C ARG A 23 7.73 31.52 -17.59
N ILE A 24 8.28 30.85 -16.58
CA ILE A 24 9.38 29.92 -16.78
C ILE A 24 8.97 28.75 -17.69
N ALA A 25 7.75 28.26 -17.52
CA ALA A 25 7.25 27.17 -18.36
C ALA A 25 7.25 27.55 -19.84
N GLU A 26 6.80 28.78 -20.14
CA GLU A 26 6.77 29.26 -21.52
C GLU A 26 8.17 29.56 -22.04
N LEU A 27 8.99 30.25 -21.23
CA LEU A 27 10.34 30.62 -21.64
C LEU A 27 11.26 29.42 -21.86
N SER A 28 11.00 28.33 -21.14
CA SER A 28 11.85 27.14 -21.22
C SER A 28 11.42 26.18 -22.33
N GLY A 29 10.38 26.53 -23.08
CA GLY A 29 9.85 25.63 -24.12
C GLY A 29 9.10 24.47 -23.50
N ASN A 30 8.24 24.78 -22.53
CA ASN A 30 7.51 23.79 -21.74
C ASN A 30 8.41 22.78 -21.03
N ARG A 31 9.50 23.28 -20.45
CA ARG A 31 10.41 22.47 -19.67
C ARG A 31 10.66 23.05 -18.27
N PRO A 32 9.60 23.52 -17.59
CA PRO A 32 9.81 24.11 -16.27
C PRO A 32 10.40 23.12 -15.25
N LEU A 33 9.96 21.87 -15.27
CA LEU A 33 10.46 20.89 -14.30
C LEU A 33 11.97 20.66 -14.50
N THR A 34 12.38 20.50 -15.75
CA THR A 34 13.77 20.24 -16.08
C THR A 34 14.66 21.42 -15.69
N VAL A 35 14.30 22.62 -16.10
CA VAL A 35 15.18 23.78 -15.84
C VAL A 35 15.20 24.16 -14.35
N ILE A 36 14.07 24.07 -13.68
CA ILE A 36 14.01 24.39 -12.25
C ILE A 36 14.77 23.34 -11.43
N MET A 37 14.59 22.06 -11.74
CA MET A 37 15.34 21.00 -11.04
C MET A 37 16.84 21.15 -11.28
N HIS A 38 17.22 21.41 -12.52
CA HIS A 38 18.63 21.56 -12.84
C HIS A 38 19.22 22.76 -12.10
N THR A 39 18.50 23.88 -12.11
CA THR A 39 18.91 25.06 -11.36
C THR A 39 19.08 24.77 -9.87
N ILE A 40 18.11 24.08 -9.28
CA ILE A 40 18.14 23.78 -7.84
C ILE A 40 19.29 22.82 -7.50
N PHE A 41 19.51 21.81 -8.33
CA PHE A 41 20.64 20.90 -8.13
C PHE A 41 21.98 21.64 -8.18
N GLN A 42 22.11 22.57 -9.12
CA GLN A 42 23.32 23.41 -9.20
C GLN A 42 23.45 24.28 -7.96
N GLU A 43 22.36 24.95 -7.59
CA GLU A 43 22.33 25.84 -6.43
C GLU A 43 22.74 25.11 -5.14
N ARG A 44 22.29 23.86 -4.98
CA ARG A 44 22.60 23.08 -3.79
C ARG A 44 23.84 22.20 -3.93
N ASP A 45 24.54 22.30 -5.07
CA ASP A 45 25.78 21.55 -5.31
C ASP A 45 25.57 20.02 -5.29
N LEU A 46 24.38 19.59 -5.72
CA LEU A 46 24.00 18.18 -5.62
C LEU A 46 24.67 17.30 -6.68
N LEU A 47 25.02 17.87 -7.83
CA LEU A 47 25.70 17.10 -8.86
C LEU A 47 27.09 16.67 -8.36
N LYS A 48 27.82 17.59 -7.75
CA LYS A 48 29.12 17.29 -7.16
C LYS A 48 29.03 16.36 -5.97
N THR A 49 28.12 16.66 -5.05
CA THR A 49 27.96 15.87 -3.82
C THR A 49 27.67 14.40 -4.11
N PHE A 50 26.81 14.14 -5.09
CA PHE A 50 26.41 12.78 -5.40
C PHE A 50 26.95 12.26 -6.73
N LYS A 51 27.90 13.00 -7.30
CA LYS A 51 28.56 12.62 -8.55
C LYS A 51 27.55 12.27 -9.63
N ILE A 52 26.58 13.17 -9.82
CA ILE A 52 25.55 12.97 -10.83
C ILE A 52 26.06 13.56 -12.14
N PRO A 53 26.23 12.72 -13.19
CA PRO A 53 26.63 13.30 -14.47
C PRO A 53 25.54 14.23 -15.03
N VAL A 54 25.93 15.41 -15.47
CA VAL A 54 24.98 16.44 -15.94
C VAL A 54 24.04 15.93 -17.03
N ASP A 55 24.58 15.18 -17.98
CA ASP A 55 23.81 14.61 -19.08
C ASP A 55 22.77 13.59 -18.59
N THR A 56 23.14 12.79 -17.59
CA THR A 56 22.22 11.84 -16.97
C THR A 56 21.07 12.58 -16.29
N LEU A 57 21.41 13.62 -15.53
CA LEU A 57 20.38 14.43 -14.87
C LEU A 57 19.40 14.98 -15.90
N ILE A 58 19.91 15.65 -16.94
CA ILE A 58 19.03 16.25 -17.94
C ILE A 58 18.21 15.17 -18.64
N THR A 59 18.82 14.04 -18.97
CA THR A 59 18.08 12.96 -19.63
C THR A 59 16.94 12.45 -18.75
N TYR A 60 17.23 12.19 -17.48
CA TYR A 60 16.17 11.73 -16.58
C TYR A 60 15.07 12.77 -16.45
N LEU A 61 15.46 14.03 -16.22
CA LEU A 61 14.48 15.10 -16.02
C LEU A 61 13.56 15.27 -17.22
N MET A 62 14.13 15.20 -18.42
CA MET A 62 13.33 15.36 -19.64
C MET A 62 12.33 14.22 -19.77
N THR A 63 12.76 13.00 -19.46
CA THR A 63 11.87 11.85 -19.54
C THR A 63 10.80 11.91 -18.44
N LEU A 64 11.19 12.25 -17.22
CA LEU A 64 10.25 12.43 -16.13
C LEU A 64 9.21 13.47 -16.52
N GLU A 65 9.68 14.62 -16.99
CA GLU A 65 8.79 15.71 -17.41
C GLU A 65 7.82 15.27 -18.51
N ASP A 66 8.33 14.50 -19.47
CA ASP A 66 7.51 13.93 -20.54
C ASP A 66 6.37 13.07 -20.01
N HIS A 67 6.57 12.42 -18.86
CA HIS A 67 5.57 11.53 -18.30
C HIS A 67 4.50 12.22 -17.46
N TYR A 68 4.62 13.54 -17.29
CA TYR A 68 3.48 14.36 -16.91
C TYR A 68 2.64 14.63 -18.16
N HIS A 69 1.33 14.71 -17.98
CA HIS A 69 0.40 14.85 -19.10
C HIS A 69 0.24 16.32 -19.45
N ALA A 70 0.64 16.67 -20.67
CA ALA A 70 0.50 18.04 -21.17
C ALA A 70 -0.95 18.49 -21.33
N ASP A 71 -1.89 17.54 -21.41
CA ASP A 71 -3.31 17.86 -21.61
C ASP A 71 -4.13 17.85 -20.31
N VAL A 72 -3.46 17.81 -19.16
CA VAL A 72 -4.11 17.90 -17.88
C VAL A 72 -3.90 19.31 -17.33
N ALA A 73 -4.98 19.97 -16.91
CA ALA A 73 -4.96 21.39 -16.61
C ALA A 73 -4.13 21.76 -15.39
N TYR A 74 -4.21 20.95 -14.33
CA TYR A 74 -3.52 21.25 -13.08
C TYR A 74 -2.35 20.30 -12.81
N HIS A 75 -2.62 19.00 -12.75
CA HIS A 75 -1.59 18.00 -12.40
C HIS A 75 -0.64 17.68 -13.55
N ASN A 76 0.12 18.68 -13.94
CA ASN A 76 1.04 18.59 -15.07
C ASN A 76 2.44 18.99 -14.61
N ASN A 77 3.36 19.07 -15.58
CA ASN A 77 4.76 19.44 -15.29
C ASN A 77 4.96 20.79 -14.59
N ILE A 78 4.05 21.74 -14.80
CA ILE A 78 4.17 23.06 -14.17
C ILE A 78 3.93 22.92 -12.67
N HIS A 79 2.93 22.13 -12.29
CA HIS A 79 2.65 21.84 -10.90
C HIS A 79 3.83 21.12 -10.23
N ALA A 80 4.39 20.12 -10.91
CA ALA A 80 5.56 19.42 -10.39
C ALA A 80 6.70 20.40 -10.14
N ALA A 81 6.96 21.26 -11.12
CA ALA A 81 8.02 22.27 -11.00
C ALA A 81 7.77 23.20 -9.83
N ASP A 82 6.51 23.60 -9.65
CA ASP A 82 6.11 24.50 -8.58
C ASP A 82 6.31 23.84 -7.20
N VAL A 83 5.92 22.57 -7.07
CA VAL A 83 6.09 21.86 -5.80
C VAL A 83 7.58 21.64 -5.49
N VAL A 84 8.38 21.31 -6.51
CA VAL A 84 9.83 21.21 -6.36
C VAL A 84 10.41 22.52 -5.83
N GLN A 85 10.06 23.63 -6.47
CA GLN A 85 10.64 24.91 -6.10
C GLN A 85 10.18 25.37 -4.71
N SER A 86 8.92 25.09 -4.39
CA SER A 86 8.37 25.42 -3.08
C SER A 86 9.06 24.60 -1.98
N THR A 87 9.21 23.31 -2.21
CA THR A 87 9.99 22.45 -1.31
C THR A 87 11.41 23.00 -1.12
N HIS A 88 12.05 23.40 -2.23
CA HIS A 88 13.40 24.00 -2.19
C HIS A 88 13.47 25.22 -1.26
N VAL A 89 12.47 26.10 -1.33
CA VAL A 89 12.41 27.25 -0.44
C VAL A 89 12.18 26.83 1.02
N LEU A 90 11.28 25.88 1.23
CA LEU A 90 10.98 25.41 2.59
C LEU A 90 12.18 24.75 3.27
N LEU A 91 12.96 24.00 2.51
CA LEU A 91 14.21 23.39 3.00
C LEU A 91 15.23 24.40 3.50
N SER A 92 15.18 25.62 2.95
CA SER A 92 16.13 26.67 3.30
C SER A 92 15.70 27.54 4.47
N THR A 93 14.57 27.21 5.11
CA THR A 93 14.05 28.03 6.21
C THR A 93 15.07 28.06 7.37
N PRO A 94 15.31 29.25 7.96
CA PRO A 94 16.32 29.35 9.02
C PRO A 94 16.17 28.31 10.15
N ALA A 95 14.94 28.04 10.58
CA ALA A 95 14.68 27.11 11.68
C ALA A 95 15.15 25.67 11.41
N LEU A 96 15.45 25.36 10.15
CA LEU A 96 15.93 24.04 9.75
C LEU A 96 17.38 24.03 9.27
N GLU A 97 18.10 25.14 9.42
CA GLU A 97 19.49 25.21 8.96
C GLU A 97 20.33 24.07 9.53
N ALA A 98 20.98 23.34 8.62
CA ALA A 98 21.85 22.21 8.97
C ALA A 98 21.16 21.03 9.66
N VAL A 99 19.83 20.98 9.62
CA VAL A 99 19.09 19.89 10.28
C VAL A 99 19.16 18.63 9.43
N PHE A 100 18.93 18.75 8.13
CA PHE A 100 18.82 17.60 7.25
C PHE A 100 20.13 17.33 6.50
N THR A 101 20.40 16.05 6.26
CA THR A 101 21.59 15.65 5.53
C THR A 101 21.39 15.92 4.05
N ASP A 102 22.47 15.86 3.29
CA ASP A 102 22.41 16.02 1.84
C ASP A 102 21.50 14.96 1.20
N LEU A 103 21.53 13.73 1.71
CA LEU A 103 20.70 12.66 1.17
C LEU A 103 19.22 12.91 1.43
N GLU A 104 18.89 13.46 2.60
CA GLU A 104 17.52 13.81 2.95
C GLU A 104 17.00 14.95 2.09
N ILE A 105 17.86 15.95 1.86
CA ILE A 105 17.55 17.06 0.96
C ILE A 105 17.29 16.56 -0.46
N LEU A 106 18.15 15.67 -0.95
CA LEU A 106 17.97 15.06 -2.27
C LEU A 106 16.65 14.29 -2.36
N ALA A 107 16.34 13.52 -1.32
CA ALA A 107 15.10 12.75 -1.26
C ALA A 107 13.87 13.64 -1.37
N ALA A 108 13.83 14.70 -0.57
CA ALA A 108 12.70 15.62 -0.56
C ALA A 108 12.47 16.29 -1.91
N ILE A 109 13.55 16.74 -2.55
CA ILE A 109 13.46 17.39 -3.85
C ILE A 109 13.07 16.39 -4.94
N PHE A 110 13.69 15.22 -4.94
CA PHE A 110 13.34 14.17 -5.90
C PHE A 110 11.87 13.73 -5.73
N ALA A 111 11.46 13.51 -4.48
CA ALA A 111 10.07 13.16 -4.19
C ALA A 111 9.11 14.21 -4.74
N SER A 112 9.43 15.48 -4.55
CA SER A 112 8.62 16.57 -5.09
C SER A 112 8.51 16.51 -6.62
N ALA A 113 9.61 16.21 -7.28
CA ALA A 113 9.66 16.17 -8.74
C ALA A 113 8.77 15.06 -9.31
N ILE A 114 8.77 13.91 -8.64
CA ILE A 114 8.04 12.76 -9.16
C ILE A 114 6.63 12.59 -8.58
N HIS A 115 6.25 13.45 -7.64
CA HIS A 115 5.11 13.13 -6.75
C HIS A 115 3.74 13.02 -7.44
N ASP A 116 3.60 13.61 -8.62
CA ASP A 116 2.35 13.51 -9.39
C ASP A 116 2.55 12.98 -10.81
N VAL A 117 3.66 12.30 -11.08
CA VAL A 117 3.97 11.90 -12.45
C VAL A 117 2.95 10.91 -13.05
N ASP A 118 2.58 11.14 -14.31
CA ASP A 118 1.58 10.32 -15.01
C ASP A 118 0.18 10.44 -14.38
N HIS A 119 -0.11 11.59 -13.77
CA HIS A 119 -1.44 11.86 -13.22
C HIS A 119 -2.44 11.97 -14.39
N PRO A 120 -3.55 11.22 -14.35
CA PRO A 120 -4.54 11.25 -15.45
C PRO A 120 -5.55 12.42 -15.39
N GLY A 121 -5.50 13.20 -14.32
CA GLY A 121 -6.40 14.36 -14.18
C GLY A 121 -7.71 14.03 -13.50
N VAL A 122 -7.76 12.88 -12.85
CA VAL A 122 -8.91 12.46 -12.04
C VAL A 122 -8.45 11.93 -10.68
N SER A 123 -9.37 11.92 -9.73
CA SER A 123 -9.06 11.60 -8.33
C SER A 123 -8.95 10.10 -8.07
N ASN A 124 -8.38 9.75 -6.92
CA ASN A 124 -8.36 8.36 -6.44
C ASN A 124 -9.78 7.78 -6.39
N GLN A 125 -10.72 8.56 -5.85
CA GLN A 125 -12.09 8.07 -5.70
C GLN A 125 -12.74 7.78 -7.06
N PHE A 126 -12.49 8.64 -8.05
CA PHE A 126 -12.98 8.40 -9.41
C PHE A 126 -12.43 7.10 -9.98
N LEU A 127 -11.13 6.89 -9.79
CA LEU A 127 -10.47 5.67 -10.27
C LEU A 127 -11.03 4.44 -9.58
N ILE A 128 -11.31 4.55 -8.28
CA ILE A 128 -11.93 3.47 -7.51
C ILE A 128 -13.36 3.21 -7.99
N ASN A 129 -14.15 4.27 -8.10
CA ASN A 129 -15.55 4.17 -8.51
C ASN A 129 -15.75 3.66 -9.93
N THR A 130 -14.78 3.87 -10.81
CA THR A 130 -14.89 3.44 -12.21
C THR A 130 -14.19 2.10 -12.49
N ASN A 131 -13.71 1.42 -11.44
CA ASN A 131 -13.09 0.10 -11.59
C ASN A 131 -11.91 0.13 -12.56
N SER A 132 -11.08 1.17 -12.44
CA SER A 132 -9.96 1.39 -13.32
C SER A 132 -8.84 0.37 -13.10
N GLU A 133 -7.99 0.21 -14.11
CA GLU A 133 -6.83 -0.65 -14.00
C GLU A 133 -5.92 -0.22 -12.83
N LEU A 134 -5.78 1.09 -12.63
CA LEU A 134 -4.98 1.61 -11.51
C LEU A 134 -5.53 1.19 -10.15
N ALA A 135 -6.82 1.34 -9.93
CA ALA A 135 -7.44 0.98 -8.65
C ALA A 135 -7.34 -0.54 -8.42
N LEU A 136 -7.47 -1.30 -9.50
CA LEU A 136 -7.36 -2.75 -9.46
C LEU A 136 -5.93 -3.19 -9.13
N MET A 137 -4.95 -2.53 -9.74
CA MET A 137 -3.54 -2.82 -9.45
C MET A 137 -3.22 -2.57 -7.97
N TYR A 138 -3.74 -1.46 -7.44
CA TYR A 138 -3.31 -0.97 -6.13
C TYR A 138 -4.33 -1.17 -5.01
N ASN A 139 -5.36 -1.98 -5.26
CA ASN A 139 -6.31 -2.36 -4.22
C ASN A 139 -6.91 -1.15 -3.47
N ASP A 140 -7.28 -0.13 -4.26
CA ASP A 140 -7.94 1.08 -3.77
C ASP A 140 -7.19 1.93 -2.74
N SER A 141 -5.90 1.65 -2.52
CA SER A 141 -5.13 2.29 -1.45
C SER A 141 -4.05 3.19 -2.05
N SER A 142 -4.17 4.49 -1.81
CA SER A 142 -3.22 5.47 -2.34
C SER A 142 -2.89 5.14 -3.79
N VAL A 143 -3.93 5.00 -4.60
CA VAL A 143 -3.82 4.47 -5.95
C VAL A 143 -2.86 5.28 -6.80
N LEU A 144 -3.14 6.58 -6.91
CA LEU A 144 -2.29 7.46 -7.70
C LEU A 144 -0.89 7.58 -7.12
N GLU A 145 -0.80 7.74 -5.80
CA GLU A 145 0.49 8.01 -5.17
C GLU A 145 1.45 6.83 -5.30
N ASN A 146 0.93 5.61 -5.20
CA ASN A 146 1.71 4.43 -5.53
C ASN A 146 2.18 4.42 -6.98
N HIS A 147 1.29 4.82 -7.88
CA HIS A 147 1.61 4.89 -9.31
C HIS A 147 2.71 5.92 -9.59
N HIS A 148 2.60 7.10 -9.00
CA HIS A 148 3.60 8.16 -9.19
C HIS A 148 4.99 7.65 -8.80
N LEU A 149 5.08 6.99 -7.65
CA LEU A 149 6.34 6.41 -7.20
C LEU A 149 6.86 5.35 -8.17
N ALA A 150 5.99 4.42 -8.56
CA ALA A 150 6.39 3.35 -9.48
C ALA A 150 6.95 3.89 -10.79
N VAL A 151 6.27 4.88 -11.36
CA VAL A 151 6.73 5.53 -12.60
C VAL A 151 8.03 6.29 -12.36
N GLY A 152 8.09 7.10 -11.30
CA GLY A 152 9.27 7.90 -11.01
C GLY A 152 10.53 7.06 -10.84
N PHE A 153 10.39 5.93 -10.14
CA PHE A 153 11.52 5.01 -9.94
C PHE A 153 11.84 4.23 -11.22
N LYS A 154 10.82 3.75 -11.93
CA LYS A 154 11.05 2.97 -13.14
C LYS A 154 11.83 3.75 -14.21
N LEU A 155 11.58 5.06 -14.30
CA LEU A 155 12.24 5.90 -15.31
C LEU A 155 13.75 6.04 -15.07
N LEU A 156 14.20 5.82 -13.85
CA LEU A 156 15.64 5.78 -13.56
C LEU A 156 16.39 4.69 -14.33
N GLN A 157 15.67 3.65 -14.74
CA GLN A 157 16.28 2.49 -15.38
C GLN A 157 16.28 2.59 -16.90
N GLU A 158 15.74 3.69 -17.43
CA GLU A 158 15.82 3.97 -18.87
C GLU A 158 17.24 4.39 -19.27
N GLU A 159 17.52 4.39 -20.56
CA GLU A 159 18.86 4.67 -21.06
C GLU A 159 19.42 6.01 -20.54
N ASN A 160 20.55 5.93 -19.84
CA ASN A 160 21.23 7.10 -19.30
C ASN A 160 20.36 7.95 -18.37
N CYS A 161 19.57 7.29 -17.53
CA CYS A 161 18.65 7.99 -16.63
C CYS A 161 18.91 7.77 -15.15
N ASP A 162 19.86 6.91 -14.78
CA ASP A 162 20.09 6.65 -13.35
C ASP A 162 20.93 7.73 -12.71
N ILE A 163 20.25 8.77 -12.23
CA ILE A 163 20.91 9.89 -11.58
C ILE A 163 21.52 9.51 -10.24
N PHE A 164 21.13 8.37 -9.69
CA PHE A 164 21.69 7.87 -8.42
C PHE A 164 22.77 6.79 -8.61
N GLN A 165 23.29 6.66 -9.83
CA GLN A 165 24.27 5.60 -10.16
C GLN A 165 25.53 5.59 -9.30
N ASN A 166 25.90 6.74 -8.74
CA ASN A 166 27.10 6.85 -7.92
C ASN A 166 26.86 6.92 -6.41
N LEU A 167 25.61 6.73 -5.98
CA LEU A 167 25.31 6.60 -4.56
C LEU A 167 25.74 5.21 -4.11
N THR A 168 26.03 5.08 -2.81
CA THR A 168 26.33 3.77 -2.23
C THR A 168 25.03 2.96 -2.17
N LYS A 169 25.14 1.66 -1.95
CA LYS A 169 23.97 0.79 -1.85
C LYS A 169 23.10 1.24 -0.67
N LYS A 170 23.76 1.58 0.44
CA LYS A 170 23.07 2.05 1.63
C LYS A 170 22.36 3.38 1.39
N GLN A 171 23.01 4.28 0.65
CA GLN A 171 22.41 5.57 0.28
C GLN A 171 21.18 5.38 -0.59
N ARG A 172 21.29 4.53 -1.61
CA ARG A 172 20.16 4.25 -2.51
C ARG A 172 18.99 3.65 -1.73
N GLN A 173 19.29 2.70 -0.85
CA GLN A 173 18.27 2.08 -0.01
C GLN A 173 17.53 3.11 0.85
N SER A 174 18.30 3.96 1.53
CA SER A 174 17.73 5.00 2.38
C SER A 174 16.93 6.02 1.59
N LEU A 175 17.45 6.42 0.44
CA LEU A 175 16.74 7.40 -0.37
C LEU A 175 15.42 6.83 -0.87
N ARG A 176 15.44 5.59 -1.36
CA ARG A 176 14.22 4.96 -1.87
C ARG A 176 13.12 4.93 -0.81
N LYS A 177 13.47 4.49 0.40
CA LYS A 177 12.50 4.44 1.49
C LYS A 177 11.95 5.82 1.82
N MET A 178 12.83 6.81 1.89
CA MET A 178 12.42 8.17 2.24
C MET A 178 11.47 8.74 1.19
N VAL A 179 11.81 8.53 -0.07
CA VAL A 179 11.02 9.03 -1.18
C VAL A 179 9.63 8.40 -1.17
N ILE A 180 9.56 7.10 -0.91
CA ILE A 180 8.26 6.42 -0.80
C ILE A 180 7.43 6.99 0.35
N ASP A 181 8.04 7.13 1.53
CA ASP A 181 7.36 7.70 2.69
C ASP A 181 6.84 9.10 2.39
N ILE A 182 7.63 9.92 1.69
CA ILE A 182 7.22 11.28 1.37
C ILE A 182 6.07 11.32 0.36
N VAL A 183 6.19 10.64 -0.77
CA VAL A 183 5.14 10.69 -1.80
C VAL A 183 3.82 10.08 -1.31
N LEU A 184 3.87 8.99 -0.55
CA LEU A 184 2.63 8.42 -0.02
C LEU A 184 1.90 9.39 0.92
N ALA A 185 2.66 10.24 1.62
CA ALA A 185 2.09 11.27 2.49
C ALA A 185 1.42 12.43 1.74
N THR A 186 1.54 12.46 0.41
CA THR A 186 0.80 13.46 -0.40
C THR A 186 -0.64 13.03 -0.70
N ASP A 187 -1.00 11.79 -0.34
CA ASP A 187 -2.38 11.32 -0.43
C ASP A 187 -3.25 12.08 0.58
N MET A 188 -4.24 12.81 0.10
CA MET A 188 -5.11 13.62 0.97
C MET A 188 -5.85 12.81 2.04
N SER A 189 -6.02 11.50 1.86
CA SER A 189 -6.63 10.68 2.91
C SER A 189 -5.73 10.57 4.15
N LYS A 190 -4.45 10.93 4.02
CA LYS A 190 -3.51 10.94 5.14
C LYS A 190 -3.37 12.30 5.83
N HIS A 191 -4.01 13.34 5.27
CA HIS A 191 -3.80 14.72 5.72
C HIS A 191 -4.11 14.93 7.21
N MET A 192 -5.28 14.48 7.65
CA MET A 192 -5.69 14.73 9.03
C MET A 192 -4.72 14.08 10.02
N ASN A 193 -4.31 12.85 9.75
CA ASN A 193 -3.36 12.16 10.62
C ASN A 193 -1.98 12.81 10.58
N LEU A 194 -1.53 13.23 9.39
CA LEU A 194 -0.27 13.98 9.28
C LEU A 194 -0.30 15.27 10.08
N LEU A 195 -1.40 16.00 9.97
CA LEU A 195 -1.55 17.27 10.66
C LEU A 195 -1.56 17.06 12.17
N ALA A 196 -2.33 16.07 12.63
CA ALA A 196 -2.38 15.72 14.06
C ALA A 196 -0.98 15.47 14.60
N ASP A 197 -0.18 14.71 13.86
CA ASP A 197 1.21 14.44 14.26
C ASP A 197 2.10 15.67 14.24
N LEU A 198 1.91 16.54 13.26
CA LEU A 198 2.65 17.80 13.22
C LEU A 198 2.33 18.69 14.42
N LYS A 199 1.06 18.75 14.81
CA LYS A 199 0.64 19.52 15.98
C LYS A 199 1.31 19.00 17.26
N THR A 200 1.35 17.68 17.39
CA THR A 200 2.03 17.04 18.53
C THR A 200 3.50 17.44 18.58
N MET A 201 4.19 17.39 17.44
CA MET A 201 5.58 17.79 17.35
C MET A 201 5.78 19.26 17.76
N VAL A 202 4.93 20.13 17.26
CA VAL A 202 4.98 21.56 17.61
C VAL A 202 4.83 21.75 19.12
N GLU A 203 3.87 21.05 19.72
CA GLU A 203 3.60 21.14 21.15
C GLU A 203 4.75 20.59 22.02
N THR A 204 5.53 19.67 21.47
CA THR A 204 6.65 19.05 22.19
C THR A 204 8.00 19.43 21.57
N LYS A 205 8.00 20.56 20.87
CA LYS A 205 9.14 20.98 20.08
C LYS A 205 10.38 21.18 20.92
N LYS A 206 11.52 20.75 20.41
CA LYS A 206 12.81 21.02 21.02
C LYS A 206 13.75 21.67 20.02
N VAL A 207 14.53 22.63 20.51
CA VAL A 207 15.46 23.38 19.67
C VAL A 207 16.88 23.27 20.23
N THR A 208 17.85 23.36 19.34
CA THR A 208 19.27 23.25 19.71
C THR A 208 19.78 24.56 20.29
N SER A 209 21.04 24.56 20.73
CA SER A 209 21.71 25.77 21.19
C SER A 209 21.67 26.88 20.13
N SER A 210 21.72 26.48 18.86
CA SER A 210 21.64 27.41 17.74
C SER A 210 20.24 27.98 17.49
N GLY A 211 19.22 27.39 18.11
CA GLY A 211 17.83 27.82 17.92
C GLY A 211 17.16 27.10 16.75
N VAL A 212 17.76 25.99 16.33
CA VAL A 212 17.31 25.22 15.19
C VAL A 212 16.62 23.96 15.71
N LEU A 213 15.66 23.44 14.94
CA LEU A 213 14.91 22.24 15.31
C LEU A 213 15.79 21.04 15.62
N LEU A 214 15.47 20.34 16.70
CA LEU A 214 16.15 19.12 17.06
C LEU A 214 15.32 17.89 16.64
N LEU A 215 15.87 17.12 15.71
CA LEU A 215 15.25 15.89 15.21
C LEU A 215 16.29 14.77 15.28
N ASP A 216 16.11 13.83 16.21
CA ASP A 216 17.16 12.83 16.46
C ASP A 216 16.73 11.38 16.23
N ASN A 217 15.73 11.20 15.37
CA ASN A 217 15.27 9.86 15.00
C ASN A 217 14.53 9.92 13.67
N TYR A 218 14.52 8.80 12.94
CA TYR A 218 13.94 8.76 11.61
C TYR A 218 12.48 9.20 11.60
N SER A 219 11.72 8.72 12.58
CA SER A 219 10.29 9.00 12.66
C SER A 219 9.97 10.50 12.65
N ASP A 220 10.69 11.28 13.46
CA ASP A 220 10.52 12.73 13.49
C ASP A 220 11.05 13.40 12.23
N ARG A 221 12.21 12.93 11.76
CA ARG A 221 12.84 13.52 10.58
C ARG A 221 11.95 13.34 9.34
N ILE A 222 11.46 12.14 9.12
CA ILE A 222 10.63 11.85 7.95
C ILE A 222 9.29 12.56 8.07
N GLN A 223 8.76 12.68 9.29
CA GLN A 223 7.49 13.37 9.48
C GLN A 223 7.58 14.84 9.05
N VAL A 224 8.68 15.50 9.38
CA VAL A 224 8.86 16.90 8.97
C VAL A 224 8.97 17.00 7.45
N LEU A 225 9.71 16.09 6.83
CA LEU A 225 9.86 16.10 5.37
C LEU A 225 8.53 15.78 4.66
N GLN A 226 7.77 14.85 5.23
CA GLN A 226 6.42 14.55 4.72
C GLN A 226 5.53 15.78 4.73
N ASN A 227 5.47 16.45 5.88
CA ASN A 227 4.65 17.65 6.00
C ASN A 227 5.17 18.81 5.17
N MET A 228 6.49 18.89 5.03
CA MET A 228 7.09 19.93 4.20
C MET A 228 6.62 19.82 2.74
N VAL A 229 6.75 18.63 2.17
CA VAL A 229 6.38 18.41 0.77
C VAL A 229 4.86 18.51 0.63
N HIS A 230 4.12 18.06 1.65
CA HIS A 230 2.68 18.22 1.70
C HIS A 230 2.27 19.71 1.72
N CYS A 231 2.98 20.51 2.52
CA CYS A 231 2.78 21.97 2.51
C CYS A 231 3.06 22.57 1.14
N ALA A 232 4.14 22.12 0.50
CA ALA A 232 4.47 22.58 -0.85
C ALA A 232 3.36 22.21 -1.84
N ASP A 233 2.83 21.00 -1.71
CA ASP A 233 1.74 20.53 -2.56
C ASP A 233 0.50 21.40 -2.35
N LEU A 234 0.28 21.84 -1.11
CA LEU A 234 -0.88 22.66 -0.76
C LEU A 234 -0.49 24.14 -0.62
N SER A 235 0.46 24.60 -1.44
CA SER A 235 0.99 25.96 -1.27
C SER A 235 0.33 27.00 -2.17
N ASN A 236 -0.53 26.59 -3.11
CA ASN A 236 -1.08 27.57 -4.09
C ASN A 236 -1.74 28.78 -3.40
N PRO A 237 -2.59 28.55 -2.39
CA PRO A 237 -3.26 29.69 -1.75
C PRO A 237 -2.35 30.61 -0.93
N THR A 238 -1.10 30.20 -0.72
CA THR A 238 -0.12 31.02 0.00
C THR A 238 0.71 31.88 -0.95
N LYS A 239 0.50 31.74 -2.26
CA LYS A 239 1.30 32.44 -3.24
C LYS A 239 0.66 33.78 -3.58
N PRO A 240 1.44 34.71 -4.15
CA PRO A 240 0.86 35.95 -4.65
C PRO A 240 -0.37 35.68 -5.50
N LEU A 241 -1.38 36.55 -5.36
CA LEU A 241 -2.72 36.29 -5.89
C LEU A 241 -2.76 35.96 -7.38
N GLN A 242 -1.91 36.58 -8.18
CA GLN A 242 -1.95 36.34 -9.62
C GLN A 242 -1.55 34.90 -9.94
N LEU A 243 -0.70 34.30 -9.11
CA LEU A 243 -0.35 32.88 -9.24
C LEU A 243 -1.47 31.98 -8.71
N TYR A 244 -1.95 32.30 -7.52
CA TYR A 244 -3.01 31.53 -6.88
C TYR A 244 -4.24 31.43 -7.79
N ARG A 245 -4.66 32.56 -8.37
CA ARG A 245 -5.84 32.54 -9.26
C ARG A 245 -5.66 31.64 -10.49
N GLN A 246 -4.45 31.59 -11.04
CA GLN A 246 -4.17 30.71 -12.17
C GLN A 246 -4.26 29.24 -11.74
N TRP A 247 -3.74 28.92 -10.55
CA TRP A 247 -3.84 27.56 -10.03
C TRP A 247 -5.30 27.17 -9.81
N THR A 248 -6.10 28.10 -9.30
CA THR A 248 -7.52 27.84 -9.07
C THR A 248 -8.25 27.63 -10.40
N ASP A 249 -7.94 28.44 -11.39
CA ASP A 249 -8.49 28.24 -12.75
C ASP A 249 -8.20 26.83 -13.26
N ARG A 250 -6.98 26.36 -13.05
CA ARG A 250 -6.55 25.06 -13.56
C ARG A 250 -7.19 23.90 -12.82
N ILE A 251 -7.23 23.95 -11.48
CA ILE A 251 -7.84 22.86 -10.73
C ILE A 251 -9.34 22.78 -11.06
N MET A 252 -10.00 23.92 -11.24
CA MET A 252 -11.43 23.90 -11.55
C MET A 252 -11.69 23.30 -12.93
N GLU A 253 -10.84 23.62 -13.91
CA GLU A 253 -10.94 23.03 -15.23
C GLU A 253 -10.82 21.50 -15.13
N GLU A 254 -9.81 21.06 -14.38
CA GLU A 254 -9.56 19.64 -14.19
C GLU A 254 -10.75 18.97 -13.49
N PHE A 255 -11.24 19.60 -12.42
CA PHE A 255 -12.44 19.11 -11.70
C PHE A 255 -13.67 19.03 -12.61
N PHE A 256 -13.90 20.08 -13.40
CA PHE A 256 -15.04 20.09 -14.31
C PHE A 256 -14.95 18.98 -15.36
N ARG A 257 -13.74 18.72 -15.87
CA ARG A 257 -13.53 17.65 -16.83
C ARG A 257 -13.83 16.27 -16.22
N GLN A 258 -13.43 16.07 -14.96
CA GLN A 258 -13.80 14.84 -14.25
C GLN A 258 -15.33 14.75 -14.11
N GLY A 259 -15.98 15.85 -13.76
CA GLY A 259 -17.42 15.90 -13.65
C GLY A 259 -18.15 15.58 -14.94
N ASP A 260 -17.59 16.01 -16.07
CA ASP A 260 -18.12 15.68 -17.40
C ASP A 260 -18.02 14.17 -17.69
N ARG A 261 -16.91 13.55 -17.28
CA ARG A 261 -16.76 12.09 -17.42
C ARG A 261 -17.74 11.35 -16.52
N GLU A 262 -17.94 11.84 -15.30
CA GLU A 262 -18.93 11.29 -14.38
C GLU A 262 -20.36 11.46 -14.91
N ARG A 263 -20.63 12.61 -15.51
CA ARG A 263 -21.93 12.88 -16.12
C ARG A 263 -22.20 11.93 -17.29
N GLU A 264 -21.19 11.74 -18.13
CA GLU A 264 -21.28 10.87 -19.31
C GLU A 264 -21.46 9.39 -18.95
N ARG A 265 -20.98 8.99 -17.78
CA ARG A 265 -21.15 7.61 -17.29
C ARG A 265 -22.44 7.41 -16.51
N GLY A 266 -23.15 8.49 -16.21
CA GLY A 266 -24.37 8.42 -15.42
C GLY A 266 -24.10 8.33 -13.92
N MET A 267 -22.89 8.70 -13.51
CA MET A 267 -22.52 8.68 -12.10
C MET A 267 -22.99 9.97 -11.42
N GLU A 268 -23.05 9.97 -10.10
CA GLU A 268 -23.25 11.20 -9.36
C GLU A 268 -21.98 12.04 -9.52
N ILE A 269 -22.16 13.34 -9.75
CA ILE A 269 -21.03 14.24 -9.96
C ILE A 269 -20.40 14.60 -8.62
N SER A 270 -19.08 14.44 -8.52
CA SER A 270 -18.37 14.66 -7.26
C SER A 270 -18.49 16.12 -6.82
N PRO A 271 -18.33 16.39 -5.52
CA PRO A 271 -18.35 17.77 -5.03
C PRO A 271 -17.39 18.66 -5.83
N MET A 272 -17.87 19.85 -6.20
CA MET A 272 -17.06 20.86 -6.89
C MET A 272 -16.71 20.51 -8.34
N CYS A 273 -17.29 19.43 -8.88
CA CYS A 273 -16.97 18.98 -10.24
C CYS A 273 -18.06 19.27 -11.28
N ASP A 274 -19.16 19.89 -10.85
CA ASP A 274 -20.26 20.22 -11.75
C ASP A 274 -20.12 21.65 -12.26
N LYS A 275 -19.73 21.80 -13.52
CA LYS A 275 -19.61 23.12 -14.15
C LYS A 275 -20.94 23.90 -14.19
N HIS A 276 -22.07 23.21 -14.06
CA HIS A 276 -23.37 23.87 -14.04
C HIS A 276 -23.84 24.26 -12.62
N ASN A 277 -23.09 23.83 -11.61
CA ASN A 277 -23.45 24.08 -10.23
C ASN A 277 -22.21 24.00 -9.33
N ALA A 278 -21.36 25.03 -9.42
CA ALA A 278 -20.12 25.06 -8.66
C ALA A 278 -19.85 26.47 -8.14
N SER A 279 -19.54 26.57 -6.85
CA SER A 279 -19.22 27.84 -6.23
C SER A 279 -17.70 27.92 -6.03
N VAL A 280 -17.01 28.45 -7.04
CA VAL A 280 -15.56 28.45 -7.06
C VAL A 280 -14.98 29.20 -5.87
N GLU A 281 -15.51 30.38 -5.61
CA GLU A 281 -15.00 31.25 -4.56
C GLU A 281 -15.27 30.66 -3.18
N LYS A 282 -16.51 30.21 -2.93
CA LYS A 282 -16.87 29.58 -1.67
C LYS A 282 -16.02 28.34 -1.41
N SER A 283 -15.75 27.57 -2.46
CA SER A 283 -14.95 26.36 -2.34
C SER A 283 -13.50 26.68 -1.98
N GLN A 284 -12.92 27.74 -2.55
CA GLN A 284 -11.56 28.14 -2.16
C GLN A 284 -11.50 28.58 -0.70
N VAL A 285 -12.52 29.33 -0.25
CA VAL A 285 -12.58 29.76 1.13
C VAL A 285 -12.66 28.55 2.06
N GLY A 286 -13.52 27.58 1.72
CA GLY A 286 -13.62 26.33 2.48
C GLY A 286 -12.33 25.53 2.49
N PHE A 287 -11.68 25.45 1.33
CA PHE A 287 -10.39 24.75 1.17
C PHE A 287 -9.34 25.37 2.10
N ILE A 288 -9.26 26.70 2.12
CA ILE A 288 -8.34 27.39 3.02
C ILE A 288 -8.70 27.15 4.49
N ASP A 289 -9.96 27.40 4.83
CA ASP A 289 -10.41 27.33 6.23
C ASP A 289 -10.24 25.94 6.84
N TYR A 290 -10.60 24.90 6.08
CA TYR A 290 -10.63 23.54 6.63
C TYR A 290 -9.35 22.72 6.40
N ILE A 291 -8.57 23.07 5.39
CA ILE A 291 -7.40 22.25 5.03
C ILE A 291 -6.09 23.05 5.02
N VAL A 292 -6.02 24.09 4.19
CA VAL A 292 -4.74 24.74 3.90
C VAL A 292 -4.24 25.60 5.07
N HIS A 293 -5.13 26.40 5.67
CA HIS A 293 -4.73 27.25 6.78
C HIS A 293 -4.39 26.45 8.07
N PRO A 294 -5.21 25.45 8.43
CA PRO A 294 -4.84 24.62 9.58
C PRO A 294 -3.47 23.98 9.44
N LEU A 295 -3.13 23.53 8.23
CA LEU A 295 -1.80 22.97 7.96
C LEU A 295 -0.72 24.03 8.05
N TRP A 296 -0.88 25.13 7.31
CA TRP A 296 0.16 26.15 7.21
C TRP A 296 0.36 26.92 8.52
N GLU A 297 -0.71 27.07 9.31
CA GLU A 297 -0.62 27.66 10.62
C GLU A 297 0.25 26.79 11.55
N THR A 298 0.12 25.48 11.40
CA THR A 298 0.89 24.54 12.22
C THR A 298 2.34 24.52 11.75
N TRP A 299 2.56 24.50 10.44
CA TRP A 299 3.91 24.62 9.89
C TRP A 299 4.58 25.91 10.39
N ALA A 300 3.85 27.02 10.30
CA ALA A 300 4.36 28.32 10.75
C ALA A 300 4.78 28.29 12.22
N ASP A 301 3.98 27.60 13.05
CA ASP A 301 4.32 27.40 14.45
C ASP A 301 5.62 26.60 14.61
N LEU A 302 5.77 25.54 13.82
CA LEU A 302 6.98 24.71 13.87
C LEU A 302 8.25 25.51 13.61
N VAL A 303 8.19 26.43 12.63
CA VAL A 303 9.37 27.21 12.24
C VAL A 303 9.27 28.69 12.62
N HIS A 304 8.44 29.01 13.61
CA HIS A 304 8.14 30.40 13.96
C HIS A 304 9.42 31.21 14.24
N PRO A 305 9.54 32.43 13.66
CA PRO A 305 8.61 33.18 12.81
C PRO A 305 8.91 33.10 11.31
N ASP A 306 9.64 32.07 10.88
CA ASP A 306 10.16 32.02 9.49
C ASP A 306 9.09 32.14 8.40
N ALA A 307 7.89 31.61 8.67
CA ALA A 307 6.84 31.52 7.66
C ALA A 307 5.75 32.57 7.81
N GLN A 308 6.00 33.62 8.59
CA GLN A 308 4.95 34.61 8.87
C GLN A 308 4.45 35.30 7.60
N ASP A 309 5.33 35.63 6.66
CA ASP A 309 4.92 36.32 5.43
C ASP A 309 4.08 35.41 4.53
N ILE A 310 4.42 34.12 4.52
CA ILE A 310 3.66 33.13 3.77
C ILE A 310 2.26 33.01 4.38
N LEU A 311 2.20 32.92 5.71
CA LEU A 311 0.92 32.81 6.40
C LEU A 311 0.09 34.07 6.21
N ASP A 312 0.74 35.23 6.23
CA ASP A 312 0.05 36.50 6.00
C ASP A 312 -0.57 36.55 4.61
N THR A 313 0.16 36.06 3.61
CA THR A 313 -0.35 36.05 2.24
C THR A 313 -1.56 35.14 2.13
N LEU A 314 -1.47 33.95 2.71
CA LEU A 314 -2.59 33.02 2.75
C LEU A 314 -3.85 33.68 3.33
N GLU A 315 -3.68 34.39 4.45
CA GLU A 315 -4.81 35.04 5.09
C GLU A 315 -5.38 36.19 4.23
N ASP A 316 -4.50 36.96 3.59
CA ASP A 316 -4.93 37.98 2.64
C ASP A 316 -5.73 37.37 1.48
N ASN A 317 -5.26 36.23 0.96
CA ASN A 317 -5.91 35.59 -0.18
C ASN A 317 -7.28 35.01 0.19
N ARG A 318 -7.39 34.47 1.40
CA ARG A 318 -8.67 34.01 1.94
C ARG A 318 -9.66 35.16 2.00
N GLU A 319 -9.22 36.28 2.55
CA GLU A 319 -10.04 37.50 2.65
C GLU A 319 -10.47 37.97 1.26
N TRP A 320 -9.55 37.95 0.31
CA TRP A 320 -9.86 38.34 -1.06
C TRP A 320 -10.95 37.45 -1.66
N TYR A 321 -10.76 36.14 -1.64
CA TYR A 321 -11.78 35.23 -2.18
C TYR A 321 -13.10 35.40 -1.45
N GLN A 322 -13.05 35.52 -0.12
CA GLN A 322 -14.25 35.77 0.69
C GLN A 322 -14.97 37.04 0.22
N SER A 323 -14.20 38.10 -0.03
CA SER A 323 -14.77 39.39 -0.44
C SER A 323 -15.54 39.36 -1.75
N THR A 324 -15.27 38.38 -2.59
CA THR A 324 -15.99 38.26 -3.86
C THR A 324 -17.38 37.64 -3.69
N ILE A 325 -17.64 37.01 -2.54
CA ILE A 325 -18.90 36.29 -2.35
C ILE A 325 -20.11 37.22 -2.10
N PRO A 326 -20.03 38.15 -1.11
CA PRO A 326 -21.20 39.01 -0.82
C PRO A 326 -21.72 39.77 -2.05
N GLN B 3 -12.87 -43.67 -7.99
CA GLN B 3 -12.06 -42.43 -7.79
C GLN B 3 -12.95 -41.26 -7.39
N GLU B 4 -14.05 -41.06 -8.13
CA GLU B 4 -15.02 -40.01 -7.82
C GLU B 4 -15.78 -40.34 -6.53
N ASP B 5 -16.04 -41.63 -6.31
CA ASP B 5 -16.61 -42.11 -5.06
C ASP B 5 -15.66 -41.86 -3.90
N VAL B 6 -14.38 -42.14 -4.13
CA VAL B 6 -13.38 -41.93 -3.08
C VAL B 6 -13.23 -40.43 -2.80
N LEU B 7 -13.19 -39.62 -3.87
CA LEU B 7 -13.13 -38.15 -3.73
C LEU B 7 -14.30 -37.63 -2.92
N ALA B 8 -15.51 -38.02 -3.32
CA ALA B 8 -16.73 -37.64 -2.60
C ALA B 8 -16.68 -38.05 -1.15
N LYS B 9 -16.12 -39.22 -0.87
CA LYS B 9 -15.96 -39.70 0.50
C LYS B 9 -14.98 -38.87 1.31
N GLU B 10 -13.85 -38.51 0.70
CA GLU B 10 -12.86 -37.65 1.37
C GLU B 10 -13.45 -36.27 1.67
N LEU B 11 -14.26 -35.76 0.75
CA LEU B 11 -14.89 -34.44 0.90
C LEU B 11 -15.97 -34.38 1.99
N GLU B 12 -16.41 -35.53 2.49
CA GLU B 12 -17.31 -35.56 3.66
C GLU B 12 -16.63 -35.08 4.93
N ASP B 13 -15.29 -35.07 4.95
CA ASP B 13 -14.52 -34.53 6.07
C ASP B 13 -14.27 -33.01 5.97
N VAL B 14 -14.95 -32.33 5.06
CA VAL B 14 -14.72 -30.90 4.83
C VAL B 14 -14.86 -30.02 6.09
N ASN B 15 -15.68 -30.45 7.04
CA ASN B 15 -15.88 -29.67 8.27
C ASN B 15 -14.92 -30.07 9.40
N LYS B 16 -13.94 -30.92 9.09
CA LYS B 16 -13.02 -31.42 10.11
C LYS B 16 -11.61 -30.88 9.92
N TRP B 17 -11.00 -30.50 11.04
CA TRP B 17 -9.59 -30.17 11.08
C TRP B 17 -8.80 -31.43 10.74
N GLY B 18 -7.93 -31.34 9.74
CA GLY B 18 -7.13 -32.50 9.33
C GLY B 18 -7.70 -33.25 8.14
N LEU B 19 -8.45 -32.54 7.30
CA LEU B 19 -8.89 -33.06 6.01
C LEU B 19 -7.68 -33.59 5.23
N HIS B 20 -7.87 -34.70 4.53
CA HIS B 20 -6.78 -35.31 3.73
C HIS B 20 -6.62 -34.56 2.40
N VAL B 21 -6.07 -33.36 2.50
CA VAL B 21 -6.04 -32.41 1.38
C VAL B 21 -5.12 -32.85 0.23
N PHE B 22 -4.02 -33.51 0.56
CA PHE B 22 -3.11 -34.02 -0.45
C PHE B 22 -3.79 -35.13 -1.25
N ARG B 23 -4.48 -36.02 -0.55
CA ARG B 23 -5.24 -37.07 -1.21
C ARG B 23 -6.32 -36.50 -2.13
N ILE B 24 -7.03 -35.48 -1.65
CA ILE B 24 -8.03 -34.78 -2.47
C ILE B 24 -7.40 -34.16 -3.71
N ALA B 25 -6.22 -33.58 -3.55
CA ALA B 25 -5.47 -33.03 -4.68
C ALA B 25 -5.21 -34.10 -5.74
N GLU B 26 -4.78 -35.27 -5.30
CA GLU B 26 -4.52 -36.40 -6.19
C GLU B 26 -5.80 -36.86 -6.91
N LEU B 27 -6.84 -37.11 -6.12
CA LEU B 27 -8.10 -37.66 -6.64
C LEU B 27 -8.85 -36.73 -7.60
N SER B 28 -8.69 -35.42 -7.41
CA SER B 28 -9.38 -34.43 -8.23
C SER B 28 -8.63 -34.06 -9.51
N GLY B 29 -7.51 -34.72 -9.79
CA GLY B 29 -6.67 -34.37 -10.93
C GLY B 29 -6.01 -33.03 -10.71
N ASN B 30 -5.50 -32.82 -9.49
CA ASN B 30 -4.90 -31.56 -9.07
C ASN B 30 -5.85 -30.37 -9.13
N ARG B 31 -7.07 -30.58 -8.62
CA ARG B 31 -8.06 -29.51 -8.51
C ARG B 31 -8.59 -29.38 -7.07
N PRO B 32 -7.70 -29.44 -6.07
CA PRO B 32 -8.18 -29.34 -4.70
C PRO B 32 -8.87 -28.01 -4.39
N LEU B 33 -8.33 -26.90 -4.88
CA LEU B 33 -8.96 -25.60 -4.62
C LEU B 33 -10.37 -25.55 -5.20
N THR B 34 -10.54 -26.01 -6.44
CA THR B 34 -11.84 -25.98 -7.09
C THR B 34 -12.85 -26.86 -6.37
N VAL B 35 -12.48 -28.12 -6.11
CA VAL B 35 -13.42 -29.05 -5.49
C VAL B 35 -13.73 -28.68 -4.03
N ILE B 36 -12.73 -28.22 -3.28
CA ILE B 36 -12.94 -27.84 -1.88
C ILE B 36 -13.78 -26.57 -1.77
N MET B 37 -13.48 -25.57 -2.59
CA MET B 37 -14.30 -24.35 -2.61
C MET B 37 -15.74 -24.65 -3.00
N HIS B 38 -15.94 -25.44 -4.05
CA HIS B 38 -17.29 -25.78 -4.48
C HIS B 38 -18.07 -26.52 -3.38
N THR B 39 -17.43 -27.49 -2.73
CA THR B 39 -18.02 -28.19 -1.60
C THR B 39 -18.42 -27.25 -0.48
N ILE B 40 -17.51 -26.35 -0.11
CA ILE B 40 -17.75 -25.40 0.99
C ILE B 40 -18.88 -24.44 0.65
N PHE B 41 -18.91 -23.96 -0.59
CA PHE B 41 -19.98 -23.06 -1.04
C PHE B 41 -21.35 -23.77 -0.96
N GLN B 42 -21.40 -25.04 -1.35
CA GLN B 42 -22.63 -25.83 -1.22
C GLN B 42 -22.97 -26.07 0.24
N GLU B 43 -21.98 -26.47 1.03
CA GLU B 43 -22.17 -26.70 2.45
C GLU B 43 -22.76 -25.47 3.16
N ARG B 44 -22.27 -24.27 2.82
CA ARG B 44 -22.75 -23.03 3.43
C ARG B 44 -23.91 -22.38 2.68
N ASP B 45 -24.39 -23.03 1.63
CA ASP B 45 -25.51 -22.54 0.81
C ASP B 45 -25.22 -21.15 0.22
N LEU B 46 -23.96 -20.90 -0.13
CA LEU B 46 -23.53 -19.60 -0.63
C LEU B 46 -23.98 -19.33 -2.07
N LEU B 47 -24.20 -20.38 -2.86
CA LEU B 47 -24.65 -20.18 -4.24
C LEU B 47 -26.06 -19.60 -4.27
N LYS B 48 -26.96 -20.14 -3.45
CA LYS B 48 -28.34 -19.65 -3.36
C LYS B 48 -28.40 -18.29 -2.69
N THR B 49 -27.70 -18.14 -1.56
CA THR B 49 -27.70 -16.88 -0.81
C THR B 49 -27.28 -15.69 -1.68
N PHE B 50 -26.24 -15.87 -2.49
CA PHE B 50 -25.71 -14.79 -3.33
C PHE B 50 -25.99 -14.98 -4.83
N LYS B 51 -26.89 -15.91 -5.15
CA LYS B 51 -27.31 -16.15 -6.54
C LYS B 51 -26.13 -16.31 -7.49
N ILE B 52 -25.18 -17.15 -7.09
CA ILE B 52 -23.99 -17.44 -7.88
C ILE B 52 -24.30 -18.63 -8.79
N PRO B 53 -24.27 -18.42 -10.12
CA PRO B 53 -24.51 -19.58 -11.00
C PRO B 53 -23.37 -20.58 -10.88
N VAL B 54 -23.72 -21.86 -10.77
CA VAL B 54 -22.73 -22.90 -10.54
C VAL B 54 -21.63 -22.91 -11.61
N ASP B 55 -22.01 -22.72 -12.87
CA ASP B 55 -21.04 -22.73 -13.96
C ASP B 55 -20.03 -21.58 -13.85
N THR B 56 -20.52 -20.43 -13.41
CA THR B 56 -19.67 -19.26 -13.18
C THR B 56 -18.69 -19.52 -12.05
N LEU B 57 -19.18 -20.13 -10.96
CA LEU B 57 -18.32 -20.46 -9.84
C LEU B 57 -17.20 -21.41 -10.26
N ILE B 58 -17.56 -22.45 -11.01
CA ILE B 58 -16.60 -23.45 -11.43
C ILE B 58 -15.57 -22.84 -12.38
N THR B 59 -16.03 -22.03 -13.32
CA THR B 59 -15.15 -21.37 -14.28
C THR B 59 -14.14 -20.46 -13.55
N TYR B 60 -14.63 -19.64 -12.63
CA TYR B 60 -13.71 -18.79 -11.85
C TYR B 60 -12.72 -19.61 -11.05
N LEU B 61 -13.23 -20.61 -10.32
CA LEU B 61 -12.38 -21.43 -9.46
C LEU B 61 -11.27 -22.12 -10.25
N MET B 62 -11.60 -22.64 -11.43
CA MET B 62 -10.60 -23.32 -12.25
C MET B 62 -9.56 -22.32 -12.75
N THR B 63 -10.03 -21.16 -13.18
CA THR B 63 -9.16 -20.06 -13.62
C THR B 63 -8.22 -19.60 -12.49
N LEU B 64 -8.80 -19.35 -11.32
CA LEU B 64 -8.03 -18.98 -10.13
C LEU B 64 -6.96 -20.04 -9.84
N GLU B 65 -7.40 -21.29 -9.76
CA GLU B 65 -6.50 -22.41 -9.50
C GLU B 65 -5.38 -22.53 -10.54
N ASP B 66 -5.68 -22.27 -11.81
CA ASP B 66 -4.65 -22.23 -12.87
C ASP B 66 -3.56 -21.16 -12.65
N HIS B 67 -3.87 -20.11 -11.90
CA HIS B 67 -2.90 -19.05 -11.64
C HIS B 67 -2.05 -19.28 -10.39
N TYR B 68 -2.28 -20.40 -9.72
CA TYR B 68 -1.31 -20.94 -8.76
C TYR B 68 -0.31 -21.78 -9.53
N HIS B 69 0.97 -21.64 -9.19
CA HIS B 69 2.06 -22.25 -9.95
C HIS B 69 2.24 -23.71 -9.56
N ALA B 70 2.18 -24.61 -10.54
CA ALA B 70 2.33 -26.04 -10.28
C ALA B 70 3.76 -26.44 -9.88
N ASP B 71 4.74 -25.63 -10.26
CA ASP B 71 6.14 -25.92 -9.96
C ASP B 71 6.67 -25.21 -8.69
N VAL B 72 5.77 -24.64 -7.91
CA VAL B 72 6.12 -24.06 -6.62
C VAL B 72 5.72 -25.07 -5.53
N ALA B 73 6.67 -25.46 -4.69
CA ALA B 73 6.49 -26.60 -3.77
C ALA B 73 5.49 -26.36 -2.64
N TYR B 74 5.49 -25.16 -2.06
CA TYR B 74 4.57 -24.87 -0.96
C TYR B 74 3.42 -23.94 -1.37
N HIS B 75 3.76 -22.76 -1.90
CA HIS B 75 2.74 -21.75 -2.24
C HIS B 75 2.03 -22.03 -3.56
N ASN B 76 1.23 -23.08 -3.54
CA ASN B 76 0.50 -23.55 -4.70
C ASN B 76 -0.99 -23.75 -4.37
N ASN B 77 -1.73 -24.35 -5.30
CA ASN B 77 -3.16 -24.57 -5.14
C ASN B 77 -3.55 -25.47 -3.96
N ILE B 78 -2.65 -26.37 -3.56
CA ILE B 78 -2.93 -27.26 -2.44
C ILE B 78 -2.94 -26.44 -1.15
N HIS B 79 -1.97 -25.54 -1.02
CA HIS B 79 -1.92 -24.63 0.12
C HIS B 79 -3.15 -23.71 0.16
N ALA B 80 -3.55 -23.16 -1.00
CA ALA B 80 -4.75 -22.34 -1.10
C ALA B 80 -5.99 -23.12 -0.62
N ALA B 81 -6.15 -24.34 -1.11
CA ALA B 81 -7.28 -25.19 -0.72
C ALA B 81 -7.28 -25.44 0.79
N ASP B 82 -6.09 -25.66 1.35
CA ASP B 82 -5.92 -25.92 2.77
C ASP B 82 -6.31 -24.71 3.64
N VAL B 83 -5.84 -23.53 3.26
CA VAL B 83 -6.17 -22.31 4.02
C VAL B 83 -7.67 -22.03 3.92
N VAL B 84 -8.25 -22.25 2.75
CA VAL B 84 -9.69 -22.13 2.54
C VAL B 84 -10.45 -23.03 3.51
N GLN B 85 -10.08 -24.31 3.54
CA GLN B 85 -10.80 -25.30 4.34
C GLN B 85 -10.60 -25.03 5.83
N SER B 86 -9.40 -24.59 6.20
CA SER B 86 -9.08 -24.28 7.58
C SER B 86 -9.90 -23.07 8.06
N THR B 87 -9.97 -22.04 7.22
CA THR B 87 -10.80 -20.88 7.53
C THR B 87 -12.27 -21.27 7.71
N HIS B 88 -12.74 -22.12 6.80
CA HIS B 88 -14.09 -22.67 6.86
C HIS B 88 -14.40 -23.37 8.20
N VAL B 89 -13.44 -24.14 8.72
CA VAL B 89 -13.60 -24.77 10.02
C VAL B 89 -13.59 -23.72 11.13
N LEU B 90 -12.67 -22.78 11.06
CA LEU B 90 -12.57 -21.74 12.09
C LEU B 90 -13.82 -20.87 12.15
N LEU B 91 -14.46 -20.63 11.00
CA LEU B 91 -15.70 -19.85 10.95
C LEU B 91 -16.84 -20.53 11.73
N SER B 92 -16.77 -21.85 11.87
CA SER B 92 -17.78 -22.60 12.61
C SER B 92 -17.45 -22.79 14.10
N THR B 93 -16.42 -22.12 14.60
CA THR B 93 -16.08 -22.16 16.03
C THR B 93 -17.32 -21.74 16.86
N PRO B 94 -17.72 -22.56 17.85
CA PRO B 94 -18.92 -22.21 18.62
C PRO B 94 -18.90 -20.79 19.21
N ALA B 95 -17.75 -20.35 19.73
CA ALA B 95 -17.62 -19.01 20.29
C ALA B 95 -17.86 -17.88 19.28
N LEU B 96 -17.86 -18.19 17.99
CA LEU B 96 -18.13 -17.22 16.93
C LEU B 96 -19.50 -17.42 16.29
N GLU B 97 -20.34 -18.25 16.90
CA GLU B 97 -21.68 -18.51 16.35
C GLU B 97 -22.46 -17.19 16.27
N ALA B 98 -23.11 -16.97 15.11
CA ALA B 98 -23.94 -15.79 14.85
C ALA B 98 -23.19 -14.45 14.87
N VAL B 99 -21.86 -14.48 14.82
CA VAL B 99 -21.08 -13.25 14.85
C VAL B 99 -21.03 -12.61 13.47
N PHE B 100 -20.71 -13.41 12.45
CA PHE B 100 -20.45 -12.86 11.12
C PHE B 100 -21.63 -13.04 10.16
N THR B 101 -21.85 -12.02 9.34
CA THR B 101 -22.87 -12.05 8.31
C THR B 101 -22.42 -12.98 7.19
N ASP B 102 -23.37 -13.34 6.33
CA ASP B 102 -23.08 -14.15 5.15
C ASP B 102 -22.02 -13.49 4.24
N LEU B 103 -22.08 -12.16 4.13
CA LEU B 103 -21.12 -11.43 3.31
C LEU B 103 -19.73 -11.50 3.91
N GLU B 104 -19.64 -11.37 5.24
CA GLU B 104 -18.37 -11.49 5.94
C GLU B 104 -17.79 -12.89 5.80
N ILE B 105 -18.67 -13.89 5.85
CA ILE B 105 -18.28 -15.30 5.64
C ILE B 105 -17.76 -15.50 4.22
N LEU B 106 -18.51 -14.99 3.24
CA LEU B 106 -18.09 -15.03 1.84
C LEU B 106 -16.72 -14.38 1.63
N ALA B 107 -16.50 -13.23 2.28
CA ALA B 107 -15.24 -12.50 2.15
C ALA B 107 -14.06 -13.26 2.74
N ALA B 108 -14.25 -13.88 3.90
CA ALA B 108 -13.17 -14.63 4.55
C ALA B 108 -12.74 -15.83 3.72
N ILE B 109 -13.72 -16.52 3.14
CA ILE B 109 -13.47 -17.70 2.31
C ILE B 109 -12.85 -17.31 0.98
N PHE B 110 -13.40 -16.29 0.32
CA PHE B 110 -12.85 -15.81 -0.95
C PHE B 110 -11.42 -15.31 -0.76
N ALA B 111 -11.21 -14.52 0.30
CA ALA B 111 -9.87 -14.04 0.65
C ALA B 111 -8.90 -15.19 0.81
N SER B 112 -9.31 -16.22 1.54
CA SER B 112 -8.48 -17.42 1.72
C SER B 112 -8.09 -18.07 0.39
N ALA B 113 -9.06 -18.17 -0.52
CA ALA B 113 -8.84 -18.81 -1.83
C ALA B 113 -7.83 -18.08 -2.71
N ILE B 114 -7.84 -16.75 -2.66
CA ILE B 114 -6.98 -15.95 -3.53
C ILE B 114 -5.69 -15.50 -2.85
N HIS B 115 -5.52 -15.78 -1.56
CA HIS B 115 -4.52 -15.07 -0.74
C HIS B 115 -3.06 -15.27 -1.15
N ASP B 116 -2.75 -16.32 -1.93
CA ASP B 116 -1.37 -16.54 -2.43
C ASP B 116 -1.32 -16.74 -3.96
N VAL B 117 -2.36 -16.34 -4.68
CA VAL B 117 -2.43 -16.62 -6.11
C VAL B 117 -1.27 -15.97 -6.88
N ASP B 118 -0.70 -16.73 -7.82
CA ASP B 118 0.44 -16.29 -8.65
C ASP B 118 1.72 -16.07 -7.82
N HIS B 119 1.84 -16.79 -6.71
CA HIS B 119 3.04 -16.74 -5.88
C HIS B 119 4.21 -17.36 -6.65
N PRO B 120 5.34 -16.63 -6.79
CA PRO B 120 6.51 -17.13 -7.55
C PRO B 120 7.45 -18.06 -6.79
N GLY B 121 7.22 -18.23 -5.49
CA GLY B 121 8.00 -19.15 -4.66
C GLY B 121 9.19 -18.48 -3.97
N VAL B 122 9.20 -17.15 -3.96
CA VAL B 122 10.22 -16.39 -3.26
C VAL B 122 9.57 -15.31 -2.41
N SER B 123 10.31 -14.84 -1.41
CA SER B 123 9.77 -13.92 -0.40
C SER B 123 9.71 -12.47 -0.88
N ASN B 124 8.97 -11.65 -0.14
CA ASN B 124 8.94 -10.21 -0.38
C ASN B 124 10.36 -9.62 -0.38
N GLN B 125 11.17 -10.01 0.59
CA GLN B 125 12.53 -9.48 0.67
C GLN B 125 13.39 -9.86 -0.52
N PHE B 126 13.26 -11.09 -1.03
CA PHE B 126 13.96 -11.51 -2.24
C PHE B 126 13.58 -10.62 -3.41
N LEU B 127 12.28 -10.35 -3.52
CA LEU B 127 11.77 -9.51 -4.61
C LEU B 127 12.27 -8.07 -4.50
N ILE B 128 12.34 -7.55 -3.27
CA ILE B 128 12.92 -6.22 -3.04
C ILE B 128 14.41 -6.21 -3.43
N ASN B 129 15.14 -7.21 -2.94
CA ASN B 129 16.59 -7.28 -3.18
C ASN B 129 17.02 -7.55 -4.63
N THR B 130 16.11 -7.98 -5.49
CA THR B 130 16.45 -8.36 -6.86
C THR B 130 15.90 -7.42 -7.95
N ASN B 131 15.61 -6.17 -7.59
CA ASN B 131 15.11 -5.18 -8.56
C ASN B 131 13.93 -5.75 -9.35
N SER B 132 13.00 -6.39 -8.66
CA SER B 132 11.91 -7.10 -9.31
C SER B 132 10.83 -6.14 -9.76
N GLU B 133 10.15 -6.50 -10.84
CA GLU B 133 9.01 -5.74 -11.33
C GLU B 133 7.95 -5.59 -10.24
N LEU B 134 7.75 -6.65 -9.46
CA LEU B 134 6.74 -6.62 -8.39
C LEU B 134 7.06 -5.58 -7.32
N ALA B 135 8.31 -5.54 -6.85
CA ALA B 135 8.72 -4.62 -5.81
C ALA B 135 8.68 -3.18 -6.33
N LEU B 136 9.04 -3.00 -7.59
CA LEU B 136 8.96 -1.68 -8.24
C LEU B 136 7.52 -1.20 -8.38
N MET B 137 6.62 -2.11 -8.71
CA MET B 137 5.19 -1.77 -8.82
C MET B 137 4.61 -1.36 -7.46
N TYR B 138 4.95 -2.09 -6.41
CA TYR B 138 4.28 -1.95 -5.13
C TYR B 138 5.10 -1.22 -4.06
N ASN B 139 6.19 -0.58 -4.47
CA ASN B 139 6.97 0.28 -3.59
C ASN B 139 7.39 -0.44 -2.30
N ASP B 140 7.82 -1.70 -2.46
CA ASP B 140 8.37 -2.51 -1.37
C ASP B 140 7.41 -2.84 -0.23
N SER B 141 6.13 -2.50 -0.36
CA SER B 141 5.15 -2.66 0.72
C SER B 141 4.18 -3.78 0.42
N SER B 142 4.18 -4.83 1.25
CA SER B 142 3.32 -5.99 1.05
C SER B 142 3.26 -6.36 -0.42
N VAL B 143 4.44 -6.58 -1.00
CA VAL B 143 4.59 -6.70 -2.43
C VAL B 143 3.75 -7.86 -2.98
N LEU B 144 3.97 -9.05 -2.45
CA LEU B 144 3.24 -10.23 -2.92
C LEU B 144 1.74 -10.15 -2.60
N GLU B 145 1.41 -9.69 -1.40
CA GLU B 145 0.03 -9.67 -0.93
C GLU B 145 -0.84 -8.72 -1.77
N ASN B 146 -0.27 -7.59 -2.16
CA ASN B 146 -0.95 -6.68 -3.08
C ASN B 146 -1.19 -7.35 -4.44
N HIS B 147 -0.19 -8.09 -4.90
CA HIS B 147 -0.27 -8.80 -6.18
C HIS B 147 -1.31 -9.92 -6.15
N HIS B 148 -1.32 -10.70 -5.07
CA HIS B 148 -2.32 -11.76 -4.90
C HIS B 148 -3.74 -11.18 -5.04
N LEU B 149 -4.00 -10.07 -4.35
CA LEU B 149 -5.28 -9.38 -4.45
C LEU B 149 -5.59 -8.91 -5.87
N ALA B 150 -4.64 -8.21 -6.51
CA ALA B 150 -4.86 -7.71 -7.87
C ALA B 150 -5.21 -8.83 -8.85
N VAL B 151 -4.48 -9.94 -8.77
CA VAL B 151 -4.75 -11.09 -9.63
C VAL B 151 -6.12 -11.69 -9.33
N GLY B 152 -6.36 -11.97 -8.04
CA GLY B 152 -7.63 -12.56 -7.61
C GLY B 152 -8.87 -11.79 -8.06
N PHE B 153 -8.80 -10.47 -7.98
CA PHE B 153 -9.91 -9.61 -8.41
C PHE B 153 -9.99 -9.51 -9.93
N LYS B 154 -8.83 -9.40 -10.58
CA LYS B 154 -8.75 -9.28 -12.05
C LYS B 154 -9.39 -10.46 -12.77
N LEU B 155 -9.20 -11.67 -12.24
CA LEU B 155 -9.73 -12.89 -12.87
C LEU B 155 -11.25 -12.96 -12.84
N LEU B 156 -11.90 -12.22 -11.94
CA LEU B 156 -13.36 -12.11 -11.93
C LEU B 156 -13.91 -11.49 -13.22
N GLN B 157 -13.07 -10.76 -13.95
CA GLN B 157 -13.49 -10.08 -15.18
C GLN B 157 -13.30 -10.92 -16.44
N GLU B 158 -12.76 -12.14 -16.29
CA GLU B 158 -12.65 -13.07 -17.41
C GLU B 158 -14.04 -13.59 -17.77
N GLU B 159 -14.17 -14.19 -18.96
CA GLU B 159 -15.49 -14.61 -19.45
C GLU B 159 -16.17 -15.60 -18.50
N ASN B 160 -17.38 -15.25 -18.08
CA ASN B 160 -18.18 -16.07 -17.17
C ASN B 160 -17.44 -16.42 -15.88
N CYS B 161 -16.70 -15.45 -15.34
CA CYS B 161 -15.96 -15.65 -14.09
C CYS B 161 -16.44 -14.77 -12.93
N ASP B 162 -17.40 -13.86 -13.19
CA ASP B 162 -17.84 -12.94 -12.14
C ASP B 162 -18.83 -13.61 -11.21
N ILE B 163 -18.30 -14.27 -10.19
CA ILE B 163 -19.12 -14.94 -9.20
C ILE B 163 -19.94 -13.96 -8.34
N PHE B 164 -19.57 -12.69 -8.36
CA PHE B 164 -20.29 -11.66 -7.59
C PHE B 164 -21.24 -10.82 -8.45
N GLN B 165 -21.56 -11.28 -9.65
CA GLN B 165 -22.42 -10.54 -10.59
C GLN B 165 -23.81 -10.17 -10.04
N ASN B 166 -24.35 -10.98 -9.13
CA ASN B 166 -25.68 -10.72 -8.56
C ASN B 166 -25.68 -10.15 -7.15
N LEU B 167 -24.51 -9.79 -6.63
CA LEU B 167 -24.43 -8.99 -5.40
C LEU B 167 -24.84 -7.55 -5.71
N THR B 168 -25.38 -6.86 -4.71
CA THR B 168 -25.72 -5.44 -4.88
C THR B 168 -24.44 -4.61 -5.00
N LYS B 169 -24.60 -3.34 -5.34
CA LYS B 169 -23.45 -2.44 -5.50
C LYS B 169 -22.72 -2.24 -4.17
N LYS B 170 -23.50 -2.05 -3.10
CA LYS B 170 -22.95 -1.87 -1.76
C LYS B 170 -22.32 -3.16 -1.22
N GLN B 171 -22.91 -4.31 -1.57
CA GLN B 171 -22.36 -5.62 -1.18
C GLN B 171 -20.99 -5.88 -1.83
N ARG B 172 -20.86 -5.53 -3.11
CA ARG B 172 -19.60 -5.69 -3.83
C ARG B 172 -18.52 -4.79 -3.24
N GLN B 173 -18.90 -3.55 -2.93
CA GLN B 173 -17.97 -2.60 -2.34
C GLN B 173 -17.48 -3.05 -0.96
N SER B 174 -18.41 -3.53 -0.13
CA SER B 174 -18.08 -3.99 1.20
C SER B 174 -17.18 -5.23 1.15
N LEU B 175 -17.54 -6.18 0.31
CA LEU B 175 -16.78 -7.42 0.17
C LEU B 175 -15.35 -7.13 -0.31
N ARG B 176 -15.22 -6.26 -1.31
CA ARG B 176 -13.91 -5.91 -1.84
C ARG B 176 -13.01 -5.35 -0.74
N LYS B 177 -13.54 -4.44 0.07
CA LYS B 177 -12.77 -3.83 1.16
C LYS B 177 -12.33 -4.88 2.19
N MET B 178 -13.26 -5.73 2.60
CA MET B 178 -12.95 -6.77 3.59
C MET B 178 -11.89 -7.74 3.08
N VAL B 179 -12.01 -8.15 1.82
CA VAL B 179 -11.05 -9.08 1.21
C VAL B 179 -9.65 -8.47 1.18
N ILE B 180 -9.56 -7.20 0.77
CA ILE B 180 -8.28 -6.48 0.74
C ILE B 180 -7.68 -6.42 2.15
N ASP B 181 -8.49 -6.03 3.14
CA ASP B 181 -8.06 -5.93 4.53
C ASP B 181 -7.55 -7.27 5.06
N ILE B 182 -8.26 -8.34 4.71
CA ILE B 182 -7.87 -9.69 5.14
C ILE B 182 -6.58 -10.18 4.47
N VAL B 183 -6.48 -10.07 3.15
CA VAL B 183 -5.31 -10.62 2.46
C VAL B 183 -4.05 -9.82 2.84
N LEU B 184 -4.18 -8.50 3.00
CA LEU B 184 -3.03 -7.70 3.38
C LEU B 184 -2.51 -8.09 4.77
N ALA B 185 -3.41 -8.56 5.64
CA ALA B 185 -3.01 -9.06 6.96
C ALA B 185 -2.25 -10.40 6.93
N THR B 186 -2.12 -11.05 5.76
CA THR B 186 -1.32 -12.29 5.66
C THR B 186 0.17 -12.02 5.48
N ASP B 187 0.54 -10.77 5.24
CA ASP B 187 1.94 -10.35 5.23
C ASP B 187 2.55 -10.55 6.61
N MET B 188 3.59 -11.38 6.70
CA MET B 188 4.21 -11.68 7.99
C MET B 188 4.81 -10.46 8.69
N SER B 189 5.12 -9.40 7.95
CA SER B 189 5.63 -8.18 8.58
C SER B 189 4.59 -7.51 9.48
N LYS B 190 3.32 -7.88 9.32
CA LYS B 190 2.24 -7.37 10.17
C LYS B 190 1.84 -8.34 11.30
N HIS B 191 2.52 -9.48 11.42
CA HIS B 191 2.17 -10.50 12.42
C HIS B 191 2.16 -9.97 13.87
N MET B 192 3.23 -9.29 14.27
CA MET B 192 3.35 -8.83 15.67
C MET B 192 2.30 -7.80 16.07
N ASN B 193 2.07 -6.81 15.22
CA ASN B 193 1.01 -5.82 15.47
C ASN B 193 -0.37 -6.47 15.49
N LEU B 194 -0.60 -7.40 14.56
CA LEU B 194 -1.84 -8.15 14.50
C LEU B 194 -2.06 -8.97 15.78
N LEU B 195 -1.00 -9.62 16.26
CA LEU B 195 -1.08 -10.41 17.48
C LEU B 195 -1.32 -9.54 18.72
N ALA B 196 -0.56 -8.44 18.82
CA ALA B 196 -0.71 -7.49 19.93
C ALA B 196 -2.16 -6.98 20.05
N ASP B 197 -2.77 -6.67 18.90
CA ASP B 197 -4.17 -6.24 18.87
C ASP B 197 -5.14 -7.36 19.26
N LEU B 198 -4.85 -8.59 18.84
CA LEU B 198 -5.68 -9.73 19.22
C LEU B 198 -5.65 -9.96 20.74
N LYS B 199 -4.48 -9.80 21.35
CA LYS B 199 -4.34 -9.91 22.80
C LYS B 199 -5.18 -8.86 23.52
N THR B 200 -5.11 -7.62 23.03
CA THR B 200 -5.89 -6.52 23.59
C THR B 200 -7.39 -6.85 23.58
N MET B 201 -7.86 -7.48 22.50
CA MET B 201 -9.26 -7.87 22.39
C MET B 201 -9.65 -8.95 23.41
N VAL B 202 -8.80 -9.96 23.55
CA VAL B 202 -9.04 -11.04 24.51
C VAL B 202 -9.13 -10.48 25.94
N GLU B 203 -8.33 -9.46 26.23
CA GLU B 203 -8.31 -8.84 27.55
C GLU B 203 -9.60 -8.07 27.87
N THR B 204 -10.16 -7.41 26.86
CA THR B 204 -11.40 -6.64 27.02
C THR B 204 -12.60 -7.34 26.36
N LYS B 205 -12.54 -8.67 26.33
CA LYS B 205 -13.51 -9.50 25.64
C LYS B 205 -14.92 -9.39 26.24
N LYS B 206 -15.93 -9.52 25.39
CA LYS B 206 -17.34 -9.48 25.82
C LYS B 206 -18.09 -10.66 25.22
N VAL B 207 -18.80 -11.42 26.05
CA VAL B 207 -19.43 -12.67 25.61
C VAL B 207 -20.87 -12.85 26.10
N THR B 208 -21.61 -13.73 25.42
CA THR B 208 -23.03 -14.00 25.68
C THR B 208 -23.38 -15.43 25.27
N SER B 209 -24.67 -15.76 25.23
CA SER B 209 -25.17 -17.02 24.65
C SER B 209 -24.26 -18.23 24.87
N SER B 210 -23.87 -18.46 26.13
CA SER B 210 -22.96 -19.56 26.50
C SER B 210 -21.52 -19.27 26.04
N GLY B 211 -21.02 -18.07 26.35
CA GLY B 211 -19.65 -17.70 26.03
C GLY B 211 -19.38 -17.37 24.56
N VAL B 212 -20.41 -16.93 23.85
CA VAL B 212 -20.29 -16.53 22.45
C VAL B 212 -19.84 -15.08 22.37
N LEU B 213 -18.91 -14.80 21.45
CA LEU B 213 -18.32 -13.47 21.31
C LEU B 213 -19.31 -12.44 20.81
N LEU B 214 -19.18 -11.23 21.34
CA LEU B 214 -20.01 -10.10 20.94
C LEU B 214 -19.10 -9.05 20.31
N LEU B 215 -19.21 -8.90 19.00
CA LEU B 215 -18.36 -7.97 18.25
C LEU B 215 -19.21 -6.98 17.48
N ASP B 216 -19.31 -5.75 17.97
CA ASP B 216 -20.24 -4.79 17.40
C ASP B 216 -19.69 -3.95 16.24
N ASN B 217 -18.46 -3.44 16.35
CA ASN B 217 -17.97 -2.55 15.30
C ASN B 217 -17.14 -3.28 14.24
N TYR B 218 -17.11 -2.69 13.06
CA TYR B 218 -16.37 -3.24 11.93
C TYR B 218 -14.91 -3.49 12.29
N SER B 219 -14.30 -2.52 12.95
CA SER B 219 -12.89 -2.60 13.36
C SER B 219 -12.57 -3.90 14.12
N ASP B 220 -13.45 -4.29 15.04
CA ASP B 220 -13.25 -5.54 15.78
C ASP B 220 -13.57 -6.76 14.92
N ARG B 221 -14.66 -6.69 14.16
CA ARG B 221 -15.06 -7.79 13.27
C ARG B 221 -13.95 -8.12 12.27
N ILE B 222 -13.43 -7.11 11.60
CA ILE B 222 -12.41 -7.32 10.57
C ILE B 222 -11.12 -7.83 11.18
N GLN B 223 -10.80 -7.34 12.38
CA GLN B 223 -9.62 -7.78 13.12
C GLN B 223 -9.68 -9.27 13.42
N VAL B 224 -10.84 -9.78 13.81
CA VAL B 224 -11.01 -11.21 14.04
C VAL B 224 -10.87 -12.01 12.75
N LEU B 225 -11.46 -11.52 11.66
CA LEU B 225 -11.33 -12.20 10.36
C LEU B 225 -9.89 -12.19 9.85
N GLN B 226 -9.18 -11.08 10.06
CA GLN B 226 -7.76 -11.00 9.72
C GLN B 226 -6.95 -12.04 10.49
N ASN B 227 -7.12 -12.10 11.80
CA ASN B 227 -6.43 -13.08 12.61
C ASN B 227 -6.85 -14.51 12.30
N MET B 228 -8.13 -14.71 11.98
CA MET B 228 -8.62 -16.02 11.62
C MET B 228 -7.92 -16.57 10.38
N VAL B 229 -7.88 -15.78 9.32
CA VAL B 229 -7.28 -16.24 8.06
C VAL B 229 -5.78 -16.36 8.24
N HIS B 230 -5.20 -15.47 9.05
CA HIS B 230 -3.80 -15.55 9.42
C HIS B 230 -3.49 -16.86 10.18
N CYS B 231 -4.34 -17.20 11.14
CA CYS B 231 -4.25 -18.50 11.84
C CYS B 231 -4.30 -19.68 10.87
N ALA B 232 -5.25 -19.64 9.94
CA ALA B 232 -5.39 -20.68 8.91
C ALA B 232 -4.12 -20.80 8.06
N ASP B 233 -3.55 -19.65 7.70
CA ASP B 233 -2.30 -19.60 6.93
C ASP B 233 -1.15 -20.23 7.74
N LEU B 234 -1.19 -20.03 9.06
CA LEU B 234 -0.19 -20.56 9.99
C LEU B 234 -0.69 -21.80 10.74
N SER B 235 -1.50 -22.62 10.08
CA SER B 235 -2.14 -23.78 10.73
C SER B 235 -1.43 -25.12 10.53
N ASN B 236 -0.43 -25.16 9.64
CA ASN B 236 0.24 -26.45 9.33
C ASN B 236 0.72 -27.20 10.58
N PRO B 237 1.38 -26.50 11.53
CA PRO B 237 1.87 -27.20 12.73
C PRO B 237 0.78 -27.67 13.70
N THR B 238 -0.45 -27.24 13.49
CA THR B 238 -1.58 -27.67 14.34
C THR B 238 -2.35 -28.84 13.73
N LYS B 239 -1.92 -29.32 12.56
CA LYS B 239 -2.60 -30.42 11.87
C LYS B 239 -1.99 -31.75 12.29
N PRO B 240 -2.70 -32.86 12.01
CA PRO B 240 -2.11 -34.18 12.27
C PRO B 240 -0.69 -34.26 11.67
N LEU B 241 0.23 -34.87 12.44
CA LEU B 241 1.66 -34.86 12.11
C LEU B 241 1.96 -35.27 10.67
N GLN B 242 1.25 -36.28 10.18
CA GLN B 242 1.44 -36.77 8.81
C GLN B 242 1.26 -35.66 7.76
N LEU B 243 0.30 -34.77 8.00
CA LEU B 243 0.08 -33.60 7.13
C LEU B 243 1.16 -32.53 7.34
N TYR B 244 1.43 -32.22 8.62
CA TYR B 244 2.40 -31.18 8.99
C TYR B 244 3.77 -31.47 8.37
N ARG B 245 4.23 -32.70 8.49
CA ARG B 245 5.53 -33.10 7.91
C ARG B 245 5.60 -32.89 6.40
N GLN B 246 4.50 -33.13 5.70
CA GLN B 246 4.45 -32.86 4.25
C GLN B 246 4.55 -31.37 3.95
N TRP B 247 3.88 -30.55 4.76
CA TRP B 247 3.97 -29.10 4.63
C TRP B 247 5.39 -28.63 4.90
N THR B 248 6.04 -29.21 5.91
CA THR B 248 7.42 -28.85 6.23
C THR B 248 8.36 -29.20 5.07
N ASP B 249 8.22 -30.40 4.52
CA ASP B 249 9.01 -30.81 3.36
C ASP B 249 8.86 -29.81 2.21
N ARG B 250 7.62 -29.39 1.97
CA ARG B 250 7.32 -28.46 0.89
C ARG B 250 7.90 -27.06 1.10
N ILE B 251 7.74 -26.50 2.31
CA ILE B 251 8.26 -25.15 2.55
C ILE B 251 9.79 -25.16 2.49
N MET B 252 10.42 -26.23 2.97
CA MET B 252 11.88 -26.31 2.91
C MET B 252 12.40 -26.44 1.48
N GLU B 253 11.68 -27.18 0.63
CA GLU B 253 12.04 -27.28 -0.78
C GLU B 253 11.96 -25.89 -1.45
N GLU B 254 10.89 -25.17 -1.15
CA GLU B 254 10.70 -23.83 -1.70
C GLU B 254 11.78 -22.87 -1.21
N PHE B 255 12.05 -22.90 0.10
CA PHE B 255 13.13 -22.10 0.71
C PHE B 255 14.51 -22.41 0.09
N PHE B 256 14.82 -23.69 -0.04
CA PHE B 256 16.10 -24.09 -0.62
C PHE B 256 16.25 -23.64 -2.08
N ARG B 257 15.17 -23.68 -2.84
CA ARG B 257 15.20 -23.17 -4.22
C ARG B 257 15.43 -21.65 -4.26
N GLN B 258 14.87 -20.91 -3.31
CA GLN B 258 15.16 -19.48 -3.21
C GLN B 258 16.64 -19.29 -2.89
N GLY B 259 17.16 -20.08 -1.96
CA GLY B 259 18.56 -20.00 -1.57
C GLY B 259 19.52 -20.34 -2.70
N ASP B 260 19.12 -21.27 -3.56
CA ASP B 260 19.90 -21.62 -4.74
C ASP B 260 19.96 -20.45 -5.72
N ARG B 261 18.84 -19.76 -5.92
CA ARG B 261 18.79 -18.57 -6.75
C ARG B 261 19.66 -17.44 -6.16
N GLU B 262 19.63 -17.31 -4.84
CA GLU B 262 20.46 -16.33 -4.13
C GLU B 262 21.96 -16.61 -4.28
N ARG B 263 22.39 -17.82 -3.93
CA ARG B 263 23.81 -18.20 -3.99
C ARG B 263 24.36 -18.03 -5.41
N GLU B 264 23.54 -18.40 -6.39
CA GLU B 264 23.85 -18.22 -7.81
C GLU B 264 24.09 -16.76 -8.17
N ARG B 265 23.19 -15.89 -7.73
CA ARG B 265 23.28 -14.44 -7.98
C ARG B 265 24.36 -13.76 -7.14
N GLY B 266 25.02 -14.50 -6.25
CA GLY B 266 26.01 -13.93 -5.35
C GLY B 266 25.37 -13.12 -4.23
N MET B 267 24.16 -13.50 -3.84
CA MET B 267 23.46 -12.82 -2.75
C MET B 267 23.69 -13.55 -1.46
N GLU B 268 23.54 -12.83 -0.34
CA GLU B 268 23.51 -13.44 0.98
C GLU B 268 22.30 -14.38 1.04
N ILE B 269 22.53 -15.64 1.40
CA ILE B 269 21.47 -16.64 1.44
C ILE B 269 20.56 -16.35 2.64
N SER B 270 19.26 -16.30 2.39
CA SER B 270 18.30 -15.98 3.43
C SER B 270 18.28 -17.05 4.52
N PRO B 271 17.90 -16.67 5.75
CA PRO B 271 17.82 -17.64 6.84
C PRO B 271 16.97 -18.86 6.46
N MET B 272 17.46 -20.04 6.80
CA MET B 272 16.77 -21.31 6.53
C MET B 272 16.69 -21.67 5.03
N CYS B 273 17.39 -20.93 4.16
CA CYS B 273 17.32 -21.17 2.71
C CYS B 273 18.57 -21.85 2.14
N ASP B 274 19.55 -22.14 2.99
CA ASP B 274 20.78 -22.81 2.57
C ASP B 274 20.64 -24.31 2.79
N LYS B 275 20.46 -25.06 1.71
CA LYS B 275 20.33 -26.52 1.79
C LYS B 275 21.59 -27.22 2.33
N HIS B 276 22.74 -26.56 2.24
CA HIS B 276 24.00 -27.10 2.77
C HIS B 276 24.24 -26.75 4.24
N ASN B 277 23.40 -25.89 4.81
CA ASN B 277 23.56 -25.46 6.19
C ASN B 277 22.21 -25.13 6.83
N ALA B 278 21.37 -26.15 6.95
CA ALA B 278 20.02 -25.98 7.47
C ALA B 278 19.78 -26.93 8.64
N SER B 279 18.90 -26.52 9.55
CA SER B 279 18.46 -27.36 10.65
C SER B 279 16.93 -27.32 10.65
N VAL B 280 16.36 -28.21 9.84
CA VAL B 280 14.92 -28.20 9.54
C VAL B 280 14.08 -28.35 10.81
N GLU B 281 14.50 -29.28 11.66
CA GLU B 281 13.74 -29.62 12.86
C GLU B 281 13.84 -28.50 13.90
N LYS B 282 15.06 -28.01 14.13
CA LYS B 282 15.27 -26.86 15.03
C LYS B 282 14.47 -25.65 14.56
N SER B 283 14.44 -25.43 13.24
CA SER B 283 13.70 -24.31 12.67
C SER B 283 12.19 -24.42 12.90
N GLN B 284 11.64 -25.63 12.78
CA GLN B 284 10.21 -25.84 13.05
C GLN B 284 9.87 -25.58 14.52
N VAL B 285 10.69 -26.08 15.43
CA VAL B 285 10.46 -25.85 16.86
C VAL B 285 10.50 -24.35 17.16
N GLY B 286 11.47 -23.64 16.57
CA GLY B 286 11.57 -22.19 16.71
C GLY B 286 10.35 -21.48 16.12
N PHE B 287 9.91 -21.93 14.96
CA PHE B 287 8.73 -21.40 14.29
C PHE B 287 7.50 -21.53 15.21
N ILE B 288 7.36 -22.71 15.83
CA ILE B 288 6.25 -22.94 16.76
C ILE B 288 6.40 -22.06 18.01
N ASP B 289 7.58 -22.05 18.62
CA ASP B 289 7.79 -21.34 19.88
C ASP B 289 7.58 -19.84 19.75
N TYR B 290 8.10 -19.25 18.67
CA TYR B 290 8.13 -17.78 18.53
C TYR B 290 6.96 -17.19 17.74
N ILE B 291 6.36 -17.96 16.84
CA ILE B 291 5.32 -17.42 15.95
C ILE B 291 3.97 -18.14 16.10
N VAL B 292 3.96 -19.45 15.87
CA VAL B 292 2.71 -20.18 15.73
C VAL B 292 2.00 -20.41 17.08
N HIS B 293 2.74 -20.82 18.11
CA HIS B 293 2.11 -21.06 19.41
C HIS B 293 1.62 -19.76 20.07
N PRO B 294 2.44 -18.71 20.09
CA PRO B 294 1.92 -17.44 20.64
C PRO B 294 0.62 -17.00 19.98
N LEU B 295 0.53 -17.16 18.66
CA LEU B 295 -0.68 -16.82 17.93
C LEU B 295 -1.87 -17.70 18.31
N TRP B 296 -1.68 -19.01 18.22
CA TRP B 296 -2.77 -19.95 18.48
C TRP B 296 -3.20 -19.97 19.95
N GLU B 297 -2.26 -19.69 20.85
CA GLU B 297 -2.57 -19.58 22.28
C GLU B 297 -3.51 -18.40 22.53
N THR B 298 -3.27 -17.30 21.83
CA THR B 298 -4.10 -16.12 21.92
C THR B 298 -5.47 -16.33 21.27
N TRP B 299 -5.48 -16.97 20.10
CA TRP B 299 -6.74 -17.35 19.46
C TRP B 299 -7.55 -18.28 20.35
N ALA B 300 -6.88 -19.26 20.96
CA ALA B 300 -7.55 -20.20 21.87
C ALA B 300 -8.21 -19.50 23.06
N ASP B 301 -7.56 -18.48 23.60
CA ASP B 301 -8.15 -17.67 24.67
C ASP B 301 -9.38 -16.90 24.18
N LEU B 302 -9.30 -16.35 22.97
CA LEU B 302 -10.44 -15.64 22.37
C LEU B 302 -11.68 -16.53 22.25
N VAL B 303 -11.48 -17.79 21.85
CA VAL B 303 -12.61 -18.69 21.62
C VAL B 303 -12.71 -19.80 22.68
N HIS B 304 -12.10 -19.57 23.84
CA HIS B 304 -11.96 -20.56 24.91
C HIS B 304 -13.31 -21.22 25.23
N PRO B 305 -13.35 -22.56 25.32
CA PRO B 305 -12.27 -23.53 25.16
C PRO B 305 -12.25 -24.22 23.78
N ASP B 306 -12.83 -23.59 22.76
CA ASP B 306 -13.11 -24.27 21.50
C ASP B 306 -11.87 -24.69 20.69
N ALA B 307 -10.74 -24.04 20.93
CA ALA B 307 -9.51 -24.34 20.18
C ALA B 307 -8.55 -25.27 20.95
N GLN B 308 -9.07 -26.00 21.93
CA GLN B 308 -8.22 -26.80 22.80
C GLN B 308 -7.59 -27.98 22.07
N ASP B 309 -8.38 -28.67 21.24
CA ASP B 309 -7.88 -29.82 20.48
C ASP B 309 -6.81 -29.40 19.46
N ILE B 310 -6.97 -28.23 18.87
CA ILE B 310 -6.00 -27.70 17.92
C ILE B 310 -4.70 -27.35 18.64
N LEU B 311 -4.82 -26.67 19.79
CA LEU B 311 -3.66 -26.31 20.60
C LEU B 311 -2.94 -27.55 21.14
N ASP B 312 -3.70 -28.58 21.48
CA ASP B 312 -3.16 -29.88 21.90
C ASP B 312 -2.30 -30.52 20.81
N THR B 313 -2.82 -30.55 19.58
CA THR B 313 -2.10 -31.13 18.45
C THR B 313 -0.81 -30.36 18.20
N LEU B 314 -0.88 -29.03 18.29
CA LEU B 314 0.29 -28.17 18.12
C LEU B 314 1.40 -28.53 19.11
N GLU B 315 1.01 -28.65 20.38
CA GLU B 315 1.95 -29.00 21.44
C GLU B 315 2.52 -30.42 21.26
N ASP B 316 1.68 -31.35 20.83
CA ASP B 316 2.13 -32.72 20.49
C ASP B 316 3.18 -32.70 19.37
N ASN B 317 2.93 -31.90 18.34
CA ASN B 317 3.81 -31.84 17.19
C ASN B 317 5.14 -31.17 17.51
N ARG B 318 5.09 -30.15 18.35
CA ARG B 318 6.29 -29.49 18.84
C ARG B 318 7.15 -30.50 19.63
N GLU B 319 6.51 -31.30 20.49
CA GLU B 319 7.21 -32.34 21.26
C GLU B 319 7.87 -33.35 20.32
N TRP B 320 7.16 -33.77 19.28
CA TRP B 320 7.72 -34.72 18.32
C TRP B 320 8.92 -34.14 17.56
N TYR B 321 8.76 -32.95 16.99
CA TYR B 321 9.88 -32.34 16.28
C TYR B 321 11.08 -32.16 17.20
N GLN B 322 10.85 -31.73 18.44
CA GLN B 322 11.94 -31.58 19.39
C GLN B 322 12.65 -32.92 19.64
N SER B 323 11.88 -34.02 19.70
CA SER B 323 12.46 -35.35 19.95
C SER B 323 13.36 -35.85 18.80
N THR B 324 13.17 -35.32 17.59
CA THR B 324 14.05 -35.65 16.47
C THR B 324 15.41 -34.94 16.53
N ILE B 325 15.55 -33.99 17.45
CA ILE B 325 16.84 -33.30 17.65
C ILE B 325 17.64 -34.03 18.72
N PRO B 326 18.81 -34.60 18.36
CA PRO B 326 19.65 -35.27 19.36
C PRO B 326 20.19 -34.30 20.41
N GLN B 327 20.52 -34.81 21.58
CA GLN B 327 21.12 -33.97 22.63
C GLN B 327 22.54 -33.57 22.25
F2 R91 C . -5.27 26.16 -4.70
C1 R91 C . -6.23 26.10 -5.66
F1 R91 C . -5.65 25.87 -6.88
O1 R91 C . -7.13 25.04 -5.34
C2 R91 C . -6.79 23.72 -5.29
C3 R91 C . -7.81 22.83 -4.98
O2 R91 C . -9.07 23.31 -4.75
C8 R91 C . -10.23 22.45 -4.75
C11 R91 C . -10.72 22.32 -3.31
O3 R91 C . -11.54 23.48 -3.14
C10 R91 C . -12.01 23.96 -4.39
C9 R91 C . -11.36 23.14 -5.47
C7 R91 C . -5.50 23.23 -5.52
C6 R91 C . -5.25 21.86 -5.45
C5 R91 C . -6.28 20.97 -5.15
C4 R91 C . -7.55 21.46 -4.92
C12 R91 C . -6.10 19.47 -5.08
O4 R91 C . -7.09 18.76 -5.23
C13 R91 C . -4.75 18.83 -4.85
C14 R91 C . -4.70 18.22 -3.46
C16 R91 C . -3.37 17.50 -3.23
C15 R91 C . -4.98 19.29 -2.42
ZN ZN D . 0.62 17.54 -6.30
MG MG E . -0.91 13.97 -5.82
MG MG F . 3.48 13.92 -21.25
F2 R91 G . 4.53 -25.31 8.95
C1 R91 G . 5.63 -25.72 8.25
F1 R91 G . 5.29 -26.09 6.98
O1 R91 G . 6.52 -24.62 8.22
C2 R91 G . 6.25 -23.43 7.59
C3 R91 G . 7.23 -22.47 7.65
O2 R91 G . 8.38 -22.74 8.35
C8 R91 G . 9.59 -22.02 8.13
C11 R91 G . 9.93 -21.26 9.40
O3 R91 G . 10.68 -22.19 10.18
C10 R91 G . 11.28 -23.18 9.35
C9 R91 G . 10.72 -23.02 7.96
C7 R91 G . 5.07 -23.16 6.88
C6 R91 G . 4.89 -21.92 6.26
C5 R91 G . 5.88 -20.95 6.33
C4 R91 G . 7.04 -21.23 7.04
C12 R91 G . 5.78 -19.59 5.69
O4 R91 G . 6.81 -18.98 5.46
C13 R91 G . 4.46 -18.96 5.31
C14 R91 G . 4.21 -17.78 6.25
C16 R91 G . 2.91 -17.07 5.91
C15 R91 G . 4.22 -18.25 7.70
ZN ZN H . -0.45 -18.63 2.48
MG MG I . 1.20 -15.17 1.48
#